data_7LSD
#
_entry.id   7LSD
#
_cell.length_a   122.204
_cell.length_b   103.198
_cell.length_c   75.548
_cell.angle_alpha   90.000
_cell.angle_beta   125.750
_cell.angle_gamma   90.000
#
_symmetry.space_group_name_H-M   'C 1 2 1'
#
loop_
_entity.id
_entity.type
_entity.pdbx_description
1 polymer miRFP718nano
2 non-polymer 'BILIVERDINE IX ALPHA'
3 water water
#
_entity_poly.entity_id   1
_entity_poly.type   'polypeptide(L)'
_entity_poly.pdbx_seq_one_letter_code
;MGSHHHHHHGRSAAGTMANLDKMLNTIVTEVRQFLQVDRLCVFKFEEDYSGNIIYEAVDDGWLSILKTHVRDCYFMETRG
EEYLHGRYQAIADIHQANLAESYRDFLTQYQVRAIVAVPILKGKKLWGLFSAHQLAAPRSWQAWEIEFLKQQAVVMGIAI
QQS
;
_entity_poly.pdbx_strand_id   A,B,C,D
#
loop_
_chem_comp.id
_chem_comp.type
_chem_comp.name
_chem_comp.formula
BLA non-polymer 'BILIVERDINE IX ALPHA' 'C33 H34 N4 O6'
#
# COMPACT_ATOMS: atom_id res chain seq x y z
N ALA A 13 -13.72 15.85 10.89
CA ALA A 13 -12.75 16.95 10.63
C ALA A 13 -11.83 16.54 9.47
N ALA A 14 -10.51 16.53 9.70
CA ALA A 14 -9.51 16.06 8.71
C ALA A 14 -9.54 14.53 8.65
N GLY A 15 -9.96 13.88 9.76
CA GLY A 15 -10.13 12.42 9.88
C GLY A 15 -11.19 11.89 8.92
N THR A 16 -12.39 12.48 8.95
CA THR A 16 -13.55 12.21 8.06
C THR A 16 -13.08 12.23 6.60
N MET A 17 -12.31 13.27 6.25
CA MET A 17 -11.88 13.54 4.87
C MET A 17 -10.86 12.46 4.50
N ALA A 18 -9.95 12.07 5.40
CA ALA A 18 -8.92 11.06 5.10
C ALA A 18 -9.64 9.73 4.80
N ASN A 19 -10.71 9.46 5.53
CA ASN A 19 -11.50 8.20 5.43
C ASN A 19 -12.27 8.15 4.11
N LEU A 20 -12.98 9.22 3.76
CA LEU A 20 -13.62 9.33 2.43
C LEU A 20 -12.58 9.20 1.31
N ASP A 21 -11.48 9.93 1.43
CA ASP A 21 -10.42 9.96 0.37
C ASP A 21 -9.94 8.53 0.11
N LYS A 22 -9.67 7.80 1.17
CA LYS A 22 -9.15 6.43 1.02
C LYS A 22 -10.21 5.53 0.38
N MET A 23 -11.47 5.65 0.79
N MET A 23 -11.46 5.66 0.78
CA MET A 23 -12.58 4.84 0.20
CA MET A 23 -12.55 4.82 0.21
C MET A 23 -12.69 5.14 -1.29
C MET A 23 -12.70 5.14 -1.29
N LEU A 24 -12.76 6.42 -1.67
CA LEU A 24 -13.01 6.81 -3.10
C LEU A 24 -11.81 6.37 -3.95
N ASN A 25 -10.61 6.54 -3.43
CA ASN A 25 -9.38 6.18 -4.17
C ASN A 25 -9.34 4.65 -4.35
N THR A 26 -9.74 3.90 -3.32
CA THR A 26 -9.79 2.41 -3.40
C THR A 26 -10.78 2.00 -4.50
N ILE A 27 -11.94 2.66 -4.59
CA ILE A 27 -12.95 2.35 -5.62
C ILE A 27 -12.32 2.57 -6.99
N VAL A 28 -11.62 3.68 -7.15
CA VAL A 28 -10.98 3.98 -8.47
C VAL A 28 -9.98 2.87 -8.84
N THR A 29 -9.03 2.56 -7.96
CA THR A 29 -8.05 1.45 -8.12
C THR A 29 -8.79 0.14 -8.47
N GLU A 30 -9.87 -0.16 -7.72
CA GLU A 30 -10.74 -1.39 -7.78
C GLU A 30 -11.29 -1.55 -9.19
N VAL A 31 -11.99 -0.52 -9.65
CA VAL A 31 -12.80 -0.54 -10.87
C VAL A 31 -11.79 -0.56 -12.02
N ARG A 32 -10.66 0.14 -11.92
CA ARG A 32 -9.70 0.21 -13.07
C ARG A 32 -9.16 -1.21 -13.34
N GLN A 33 -8.80 -1.93 -12.28
CA GLN A 33 -8.21 -3.28 -12.48
C GLN A 33 -9.31 -4.24 -12.92
N PHE A 34 -10.48 -4.19 -12.33
CA PHE A 34 -11.59 -5.11 -12.65
C PHE A 34 -12.01 -4.91 -14.09
N LEU A 35 -12.13 -3.66 -14.54
CA LEU A 35 -12.56 -3.36 -15.93
C LEU A 35 -11.38 -3.43 -16.91
N GLN A 36 -10.14 -3.43 -16.43
CA GLN A 36 -8.92 -3.43 -17.28
C GLN A 36 -8.98 -2.25 -18.24
N VAL A 37 -9.20 -1.08 -17.69
CA VAL A 37 -9.17 0.19 -18.45
C VAL A 37 -7.85 0.86 -18.16
N ASP A 38 -7.30 1.58 -19.14
CA ASP A 38 -5.95 2.14 -19.01
C ASP A 38 -5.92 3.19 -17.90
N ARG A 39 -6.97 3.98 -17.79
CA ARG A 39 -7.01 5.09 -16.82
C ARG A 39 -8.45 5.25 -16.33
N LEU A 40 -8.60 5.47 -15.04
CA LEU A 40 -9.93 5.72 -14.46
C LEU A 40 -9.77 6.90 -13.53
N CYS A 41 -10.63 7.88 -13.67
CA CYS A 41 -10.46 9.00 -12.76
C CYS A 41 -11.79 9.57 -12.30
N VAL A 42 -11.65 10.40 -11.28
CA VAL A 42 -12.78 11.13 -10.71
C VAL A 42 -12.48 12.62 -10.88
N PHE A 43 -13.36 13.29 -11.59
CA PHE A 43 -13.36 14.74 -11.86
C PHE A 43 -14.37 15.40 -10.93
N LYS A 44 -13.92 16.28 -10.05
CA LYS A 44 -14.81 16.98 -9.09
C LYS A 44 -15.02 18.43 -9.56
N PHE A 45 -16.27 18.85 -9.64
CA PHE A 45 -16.67 20.22 -10.04
C PHE A 45 -16.44 21.18 -8.87
N GLU A 46 -15.93 22.34 -9.22
CA GLU A 46 -15.98 23.57 -8.40
C GLU A 46 -17.35 24.23 -8.53
N GLU A 47 -17.56 25.30 -7.75
CA GLU A 47 -18.84 26.03 -7.70
C GLU A 47 -19.22 26.49 -9.09
N ASP A 48 -18.23 26.90 -9.89
CA ASP A 48 -18.49 27.42 -11.26
C ASP A 48 -18.49 26.30 -12.31
N TYR A 49 -18.41 25.03 -11.89
CA TYR A 49 -18.40 23.87 -12.79
C TYR A 49 -17.18 23.83 -13.70
N SER A 50 -16.14 24.60 -13.41
CA SER A 50 -14.77 24.16 -13.73
C SER A 50 -14.56 22.93 -12.83
N GLY A 51 -13.46 22.23 -12.97
CA GLY A 51 -13.18 21.13 -12.03
C GLY A 51 -11.76 20.65 -12.08
N ASN A 52 -11.47 19.60 -11.30
CA ASN A 52 -10.11 19.08 -11.10
C ASN A 52 -10.21 17.55 -11.07
N ILE A 53 -9.25 16.89 -11.67
CA ILE A 53 -9.11 15.42 -11.48
C ILE A 53 -8.52 15.19 -10.11
N ILE A 54 -9.28 14.63 -9.18
CA ILE A 54 -8.82 14.50 -7.78
C ILE A 54 -8.48 13.07 -7.41
N TYR A 55 -8.96 12.05 -8.14
CA TYR A 55 -8.53 10.64 -7.94
C TYR A 55 -8.24 10.08 -9.32
N GLU A 56 -7.25 9.22 -9.37
CA GLU A 56 -6.86 8.61 -10.66
C GLU A 56 -6.10 7.31 -10.44
N ALA A 57 -6.42 6.31 -11.24
CA ALA A 57 -5.64 5.07 -11.32
C ALA A 57 -5.25 4.95 -12.79
N VAL A 58 -3.97 5.06 -13.06
CA VAL A 58 -3.50 4.86 -14.46
C VAL A 58 -2.49 3.73 -14.46
N ASP A 59 -2.59 2.86 -15.44
CA ASP A 59 -1.78 1.62 -15.48
C ASP A 59 -0.44 1.92 -16.14
N ASP A 60 0.59 1.15 -15.79
CA ASP A 60 1.78 0.88 -16.67
C ASP A 60 2.60 2.13 -17.01
N GLY A 61 2.64 3.19 -16.17
CA GLY A 61 3.53 4.34 -16.41
C GLY A 61 2.93 5.28 -17.44
N TRP A 62 1.65 5.11 -17.80
CA TRP A 62 1.02 5.96 -18.84
C TRP A 62 0.60 7.33 -18.30
N LEU A 63 0.20 8.22 -19.19
CA LEU A 63 -0.01 9.68 -18.89
C LEU A 63 -0.95 9.82 -17.69
N SER A 64 -0.45 10.44 -16.62
CA SER A 64 -1.29 10.81 -15.45
C SER A 64 -1.89 12.20 -15.68
N ILE A 65 -3.20 12.37 -15.43
CA ILE A 65 -3.89 13.68 -15.45
C ILE A 65 -4.36 14.04 -14.05
N LEU A 66 -3.79 13.40 -13.03
CA LEU A 66 -4.15 13.74 -11.63
C LEU A 66 -3.81 15.20 -11.35
N LYS A 67 -4.74 15.90 -10.71
CA LYS A 67 -4.70 17.32 -10.31
C LYS A 67 -4.78 18.24 -11.53
N THR A 68 -5.10 17.76 -12.72
CA THR A 68 -5.34 18.66 -13.88
C THR A 68 -6.61 19.48 -13.62
N HIS A 69 -6.55 20.78 -13.89
CA HIS A 69 -7.71 21.68 -13.83
C HIS A 69 -8.32 21.80 -15.22
N VAL A 70 -9.64 21.67 -15.34
CA VAL A 70 -10.32 21.74 -16.65
C VAL A 70 -11.46 22.75 -16.55
N ARG A 71 -11.51 23.70 -17.47
CA ARG A 71 -12.63 24.64 -17.62
C ARG A 71 -13.46 24.19 -18.81
N ASP A 72 -14.25 23.14 -18.65
CA ASP A 72 -15.04 22.63 -19.78
C ASP A 72 -16.25 23.58 -19.91
N CYS A 73 -16.66 24.08 -21.06
CA CYS A 73 -17.39 25.30 -21.26
C CYS A 73 -18.68 24.49 -21.40
N TYR A 74 -18.85 23.20 -21.78
CA TYR A 74 -20.19 22.52 -21.79
C TYR A 74 -20.72 22.46 -20.34
N PHE A 75 -19.90 21.99 -19.40
CA PHE A 75 -20.31 21.85 -17.99
C PHE A 75 -20.48 23.24 -17.37
N MET A 76 -19.62 24.19 -17.69
CA MET A 76 -19.71 25.54 -17.04
C MET A 76 -20.97 26.28 -17.51
N GLU A 77 -21.41 26.07 -18.73
CA GLU A 77 -22.64 26.74 -19.23
C GLU A 77 -23.88 25.98 -18.75
N THR A 78 -23.86 24.66 -18.74
CA THR A 78 -25.09 23.86 -18.43
C THR A 78 -25.18 23.65 -16.91
N ARG A 79 -24.07 23.83 -16.17
CA ARG A 79 -23.94 23.42 -14.75
C ARG A 79 -24.29 21.95 -14.61
N GLY A 80 -24.10 21.18 -15.67
CA GLY A 80 -24.36 19.74 -15.64
C GLY A 80 -25.84 19.40 -15.56
N GLU A 81 -26.74 20.33 -15.89
CA GLU A 81 -28.21 20.07 -15.79
C GLU A 81 -28.66 18.81 -16.54
N GLU A 82 -28.07 18.47 -17.70
CA GLU A 82 -28.47 17.29 -18.49
C GLU A 82 -27.99 15.98 -17.82
N TYR A 83 -27.07 16.05 -16.86
CA TYR A 83 -26.41 14.86 -16.26
C TYR A 83 -27.12 14.45 -14.97
N LEU A 84 -28.31 15.00 -14.65
CA LEU A 84 -29.00 14.72 -13.35
C LEU A 84 -29.98 13.52 -13.36
N HIS A 85 -30.30 12.89 -14.49
CA HIS A 85 -31.32 11.78 -14.56
C HIS A 85 -30.85 10.52 -15.31
N GLY A 86 -29.62 10.04 -15.06
CA GLY A 86 -29.10 8.78 -15.62
C GLY A 86 -28.42 8.96 -16.98
N ARG A 87 -28.15 10.22 -17.40
CA ARG A 87 -27.50 10.48 -18.70
C ARG A 87 -25.98 10.26 -18.55
N TYR A 88 -25.27 10.08 -19.69
CA TYR A 88 -23.84 9.68 -19.67
C TYR A 88 -23.24 9.67 -21.09
N GLN A 89 -21.93 9.40 -21.15
CA GLN A 89 -21.20 9.33 -22.44
C GLN A 89 -20.48 7.99 -22.51
N ALA A 90 -20.59 7.33 -23.64
CA ALA A 90 -19.80 6.10 -23.92
C ALA A 90 -19.46 6.07 -25.40
N ILE A 91 -18.19 6.27 -25.71
CA ILE A 91 -17.74 6.43 -27.13
C ILE A 91 -16.63 5.41 -27.31
N ALA A 92 -16.86 4.50 -28.26
CA ALA A 92 -15.91 3.42 -28.60
C ALA A 92 -14.66 4.01 -29.24
N ASP A 93 -14.80 5.09 -30.01
CA ASP A 93 -13.67 5.62 -30.79
C ASP A 93 -13.93 7.09 -31.03
N ILE A 94 -13.20 7.95 -30.34
CA ILE A 94 -13.46 9.42 -30.40
C ILE A 94 -13.08 9.97 -31.79
N HIS A 95 -12.34 9.23 -32.61
CA HIS A 95 -12.03 9.64 -34.01
C HIS A 95 -13.33 9.62 -34.81
N GLN A 96 -14.17 8.59 -34.57
CA GLN A 96 -15.40 8.28 -35.35
C GLN A 96 -16.49 9.25 -34.90
N ALA A 97 -16.76 9.28 -33.61
CA ALA A 97 -17.73 10.19 -32.96
C ALA A 97 -17.70 11.60 -33.62
N ASN A 98 -18.89 12.19 -33.70
CA ASN A 98 -19.19 13.52 -34.30
C ASN A 98 -19.08 14.54 -33.16
N LEU A 99 -17.95 14.54 -32.48
CA LEU A 99 -17.71 15.40 -31.32
C LEU A 99 -17.49 16.81 -31.80
N ALA A 100 -17.90 17.76 -30.98
CA ALA A 100 -17.40 19.14 -31.02
C ALA A 100 -15.88 19.15 -31.14
N GLU A 101 -15.31 19.98 -32.03
CA GLU A 101 -13.84 20.10 -32.16
C GLU A 101 -13.20 20.38 -30.82
N SER A 102 -13.76 21.34 -30.06
CA SER A 102 -13.11 21.79 -28.81
C SER A 102 -13.03 20.61 -27.83
N TYR A 103 -14.03 19.73 -27.82
CA TYR A 103 -14.07 18.57 -26.88
C TYR A 103 -13.11 17.48 -27.41
N ARG A 104 -13.14 17.23 -28.71
CA ARG A 104 -12.13 16.32 -29.35
C ARG A 104 -10.70 16.76 -28.97
N ASP A 105 -10.42 18.04 -29.04
CA ASP A 105 -9.08 18.61 -28.72
C ASP A 105 -8.71 18.34 -27.27
N PHE A 106 -9.65 18.55 -26.34
CA PHE A 106 -9.40 18.28 -24.91
C PHE A 106 -9.03 16.79 -24.75
N LEU A 107 -9.85 15.92 -25.32
CA LEU A 107 -9.65 14.46 -25.16
C LEU A 107 -8.28 14.07 -25.76
N THR A 108 -7.96 14.65 -26.92
CA THR A 108 -6.68 14.34 -27.62
C THR A 108 -5.51 14.79 -26.74
N GLN A 109 -5.59 16.00 -26.16
N GLN A 109 -5.60 15.98 -26.16
CA GLN A 109 -4.50 16.54 -25.30
CA GLN A 109 -4.50 16.51 -25.33
C GLN A 109 -4.20 15.50 -24.21
C GLN A 109 -4.19 15.51 -24.21
N TYR A 110 -5.19 14.76 -23.70
CA TYR A 110 -5.01 13.76 -22.61
C TYR A 110 -5.01 12.30 -23.11
N GLN A 111 -4.70 12.12 -24.40
CA GLN A 111 -4.42 10.81 -25.04
C GLN A 111 -5.63 9.88 -25.05
N VAL A 112 -6.84 10.42 -24.95
CA VAL A 112 -8.05 9.55 -24.91
C VAL A 112 -8.36 9.04 -26.32
N ARG A 113 -8.59 7.74 -26.49
CA ARG A 113 -9.17 7.18 -27.74
C ARG A 113 -10.59 6.68 -27.52
N ALA A 114 -10.90 6.13 -26.35
CA ALA A 114 -12.25 5.60 -26.04
C ALA A 114 -12.58 6.08 -24.64
N ILE A 115 -13.84 6.34 -24.36
CA ILE A 115 -14.20 6.96 -23.05
C ILE A 115 -15.61 6.51 -22.64
N VAL A 116 -15.78 6.37 -21.36
CA VAL A 116 -17.10 6.30 -20.68
C VAL A 116 -17.04 7.30 -19.56
N ALA A 117 -18.03 8.19 -19.49
CA ALA A 117 -18.11 9.17 -18.39
C ALA A 117 -19.53 9.11 -17.85
N VAL A 118 -19.62 8.92 -16.55
CA VAL A 118 -20.92 8.88 -15.86
C VAL A 118 -20.88 9.93 -14.76
N PRO A 119 -22.04 10.50 -14.44
CA PRO A 119 -22.11 11.48 -13.35
C PRO A 119 -22.03 10.85 -11.97
N ILE A 120 -21.43 11.60 -11.05
CA ILE A 120 -21.48 11.37 -9.59
C ILE A 120 -22.36 12.47 -8.98
N LEU A 121 -23.39 12.07 -8.25
CA LEU A 121 -24.33 13.04 -7.62
C LEU A 121 -24.06 13.10 -6.14
N LYS A 122 -24.16 14.31 -5.59
CA LYS A 122 -24.27 14.50 -4.14
C LYS A 122 -25.67 15.07 -3.89
N GLY A 123 -26.56 14.25 -3.35
CA GLY A 123 -28.00 14.55 -3.31
C GLY A 123 -28.55 14.80 -4.72
N LYS A 124 -29.10 15.98 -4.95
CA LYS A 124 -29.69 16.37 -6.26
C LYS A 124 -28.68 17.16 -7.10
N LYS A 125 -27.43 17.32 -6.64
CA LYS A 125 -26.44 18.19 -7.31
C LYS A 125 -25.42 17.31 -8.06
N LEU A 126 -25.04 17.71 -9.26
CA LEU A 126 -23.90 17.08 -9.97
C LEU A 126 -22.62 17.41 -9.21
N TRP A 127 -21.95 16.43 -8.62
CA TRP A 127 -20.71 16.63 -7.83
C TRP A 127 -19.47 16.41 -8.71
N GLY A 128 -19.53 15.47 -9.64
CA GLY A 128 -18.33 15.08 -10.41
C GLY A 128 -18.65 14.12 -11.55
N LEU A 129 -17.59 13.66 -12.22
CA LEU A 129 -17.64 12.62 -13.26
C LEU A 129 -16.69 11.50 -12.88
N PHE A 130 -17.14 10.28 -13.17
CA PHE A 130 -16.37 9.04 -13.04
C PHE A 130 -16.11 8.58 -14.48
N SER A 131 -14.86 8.63 -14.93
CA SER A 131 -14.55 8.54 -16.37
C SER A 131 -13.48 7.48 -16.60
N ALA A 132 -13.73 6.57 -17.53
CA ALA A 132 -12.78 5.52 -17.93
C ALA A 132 -12.20 5.94 -19.27
N HIS A 133 -10.89 5.84 -19.42
CA HIS A 133 -10.22 6.23 -20.69
C HIS A 133 -9.36 5.06 -21.18
N GLN A 134 -9.51 4.74 -22.45
CA GLN A 134 -8.51 3.95 -23.21
C GLN A 134 -7.60 4.93 -23.96
N LEU A 135 -6.29 4.65 -23.97
CA LEU A 135 -5.29 5.60 -24.50
C LEU A 135 -4.76 5.25 -25.90
N ALA A 136 -5.13 4.12 -26.50
CA ALA A 136 -4.53 3.75 -27.81
C ALA A 136 -5.56 3.31 -28.84
N ALA A 137 -6.40 2.34 -28.52
CA ALA A 137 -7.29 1.69 -29.49
C ALA A 137 -8.75 1.85 -29.09
N PRO A 138 -9.67 1.65 -30.05
CA PRO A 138 -11.10 1.70 -29.77
C PRO A 138 -11.47 0.62 -28.75
N ARG A 139 -12.60 0.82 -28.07
CA ARG A 139 -13.13 -0.18 -27.14
C ARG A 139 -14.65 -0.14 -27.23
N SER A 140 -15.24 -1.24 -27.69
CA SER A 140 -16.72 -1.41 -27.68
C SER A 140 -17.20 -1.68 -26.24
N TRP A 141 -17.56 -0.60 -25.55
CA TRP A 141 -18.03 -0.70 -24.15
C TRP A 141 -19.29 -1.55 -24.10
N GLN A 142 -19.39 -2.46 -23.14
N GLN A 142 -19.39 -2.45 -23.14
CA GLN A 142 -20.56 -3.35 -22.96
CA GLN A 142 -20.58 -3.34 -22.98
C GLN A 142 -21.57 -2.66 -22.04
C GLN A 142 -21.57 -2.67 -22.04
N ALA A 143 -22.86 -2.97 -22.22
CA ALA A 143 -23.93 -2.47 -21.35
C ALA A 143 -23.55 -2.74 -19.88
N TRP A 144 -23.06 -3.92 -19.53
CA TRP A 144 -22.78 -4.23 -18.10
C TRP A 144 -21.68 -3.30 -17.55
N GLU A 145 -20.72 -2.93 -18.37
CA GLU A 145 -19.59 -2.07 -17.92
C GLU A 145 -20.12 -0.68 -17.60
N ILE A 146 -21.04 -0.18 -18.40
CA ILE A 146 -21.64 1.17 -18.20
C ILE A 146 -22.44 1.09 -16.91
N GLU A 147 -23.22 0.02 -16.73
CA GLU A 147 -24.05 -0.18 -15.51
C GLU A 147 -23.13 -0.30 -14.29
N PHE A 148 -22.05 -1.06 -14.41
CA PHE A 148 -21.08 -1.17 -13.31
C PHE A 148 -20.57 0.23 -12.95
N LEU A 149 -20.20 1.01 -13.96
CA LEU A 149 -19.63 2.35 -13.66
C LEU A 149 -20.69 3.23 -12.96
N LYS A 150 -21.91 3.24 -13.49
CA LYS A 150 -23.04 4.01 -12.90
C LYS A 150 -23.28 3.58 -11.47
N GLN A 151 -23.33 2.27 -11.22
CA GLN A 151 -23.62 1.75 -9.86
C GLN A 151 -22.45 2.03 -8.91
N GLN A 152 -21.20 2.05 -9.36
CA GLN A 152 -20.07 2.51 -8.50
C GLN A 152 -20.20 4.03 -8.20
N ALA A 153 -20.67 4.80 -9.18
CA ALA A 153 -20.94 6.23 -8.96
C ALA A 153 -22.01 6.43 -7.88
N VAL A 154 -23.02 5.55 -7.80
CA VAL A 154 -24.03 5.62 -6.73
C VAL A 154 -23.35 5.38 -5.37
N VAL A 155 -22.52 4.34 -5.28
CA VAL A 155 -21.71 4.02 -4.08
C VAL A 155 -20.95 5.28 -3.66
N MET A 156 -20.25 5.89 -4.61
CA MET A 156 -19.40 7.06 -4.29
C MET A 156 -20.29 8.19 -3.75
N GLY A 157 -21.43 8.43 -4.39
CA GLY A 157 -22.33 9.54 -4.08
C GLY A 157 -22.89 9.38 -2.68
N ILE A 158 -23.20 8.14 -2.27
CA ILE A 158 -23.68 7.91 -0.89
C ILE A 158 -22.58 8.26 0.10
N ALA A 159 -21.32 7.86 -0.14
CA ALA A 159 -20.19 8.17 0.75
C ALA A 159 -19.94 9.70 0.78
N ILE A 160 -20.02 10.34 -0.38
CA ILE A 160 -19.73 11.79 -0.47
C ILE A 160 -20.80 12.58 0.30
N GLN A 161 -22.04 12.10 0.30
CA GLN A 161 -23.15 12.77 1.00
C GLN A 161 -22.91 12.82 2.52
N GLN A 162 -21.87 12.20 3.09
CA GLN A 162 -21.60 12.26 4.57
C GLN A 162 -20.60 13.36 4.95
N SER A 163 -20.14 14.19 4.03
CA SER A 163 -19.31 15.38 4.37
C SER A 163 -19.65 16.54 3.42
N SER B 12 -9.55 -16.14 -19.86
CA SER B 12 -8.80 -17.13 -19.01
C SER B 12 -9.58 -17.45 -17.73
N ALA B 13 -10.08 -18.68 -17.60
CA ALA B 13 -10.89 -19.17 -16.45
C ALA B 13 -10.17 -18.89 -15.11
N ALA B 14 -8.84 -18.93 -15.10
CA ALA B 14 -7.98 -18.68 -13.91
C ALA B 14 -7.96 -17.17 -13.58
N GLY B 15 -7.81 -16.32 -14.60
CA GLY B 15 -7.68 -14.85 -14.50
C GLY B 15 -9.01 -14.14 -14.31
N THR B 16 -10.11 -14.67 -14.87
CA THR B 16 -11.48 -14.14 -14.65
C THR B 16 -11.81 -14.30 -13.17
N MET B 17 -11.68 -15.51 -12.63
CA MET B 17 -11.90 -15.78 -11.18
C MET B 17 -10.94 -14.90 -10.37
N ALA B 18 -9.66 -14.78 -10.75
CA ALA B 18 -8.66 -14.02 -9.95
C ALA B 18 -9.06 -12.54 -9.91
N ASN B 19 -9.58 -12.00 -11.00
CA ASN B 19 -9.91 -10.54 -11.06
C ASN B 19 -11.18 -10.28 -10.23
N LEU B 20 -12.15 -11.21 -10.25
CA LEU B 20 -13.36 -11.06 -9.41
C LEU B 20 -12.95 -11.13 -7.94
N ASP B 21 -12.07 -12.08 -7.57
N ASP B 21 -12.06 -12.07 -7.58
CA ASP B 21 -11.58 -12.30 -6.19
CA ASP B 21 -11.64 -12.28 -6.17
C ASP B 21 -10.92 -11.02 -5.67
C ASP B 21 -10.91 -11.03 -5.66
N LYS B 22 -10.06 -10.42 -6.49
CA LYS B 22 -9.28 -9.22 -6.12
C LYS B 22 -10.30 -8.10 -5.86
N MET B 23 -11.29 -7.97 -6.71
CA MET B 23 -12.31 -6.88 -6.58
C MET B 23 -13.14 -7.10 -5.31
N LEU B 24 -13.67 -8.31 -5.06
CA LEU B 24 -14.50 -8.54 -3.85
C LEU B 24 -13.64 -8.38 -2.60
N ASN B 25 -12.40 -8.83 -2.59
CA ASN B 25 -11.52 -8.72 -1.40
C ASN B 25 -11.14 -7.25 -1.11
N THR B 26 -10.89 -6.45 -2.14
CA THR B 26 -10.67 -5.00 -2.05
C THR B 26 -11.89 -4.30 -1.47
N ILE B 27 -13.10 -4.62 -1.94
CA ILE B 27 -14.35 -3.99 -1.43
C ILE B 27 -14.44 -4.31 0.06
N VAL B 28 -14.30 -5.59 0.40
CA VAL B 28 -14.53 -5.95 1.83
C VAL B 28 -13.50 -5.23 2.69
N THR B 29 -12.23 -5.24 2.29
CA THR B 29 -11.10 -4.72 3.11
C THR B 29 -11.36 -3.25 3.40
N GLU B 30 -11.79 -2.48 2.38
CA GLU B 30 -11.77 -0.99 2.49
C GLU B 30 -13.12 -0.52 3.04
N VAL B 31 -14.25 -1.11 2.64
CA VAL B 31 -15.56 -0.83 3.28
C VAL B 31 -15.52 -1.12 4.80
N ARG B 32 -14.83 -2.17 5.25
CA ARG B 32 -14.72 -2.41 6.72
C ARG B 32 -14.06 -1.19 7.39
N GLN B 33 -13.00 -0.65 6.78
CA GLN B 33 -12.28 0.52 7.38
C GLN B 33 -13.14 1.77 7.24
N PHE B 34 -13.79 1.95 6.10
CA PHE B 34 -14.63 3.16 5.85
C PHE B 34 -15.79 3.24 6.84
N LEU B 35 -16.51 2.13 7.08
CA LEU B 35 -17.60 2.10 8.09
C LEU B 35 -17.11 1.83 9.52
N GLN B 36 -15.85 1.53 9.75
CA GLN B 36 -15.31 1.19 11.09
C GLN B 36 -16.15 0.03 11.68
N VAL B 37 -16.34 -1.00 10.87
CA VAL B 37 -17.02 -2.26 11.29
C VAL B 37 -15.98 -3.22 11.84
N ASP B 38 -16.32 -3.96 12.90
CA ASP B 38 -15.36 -4.90 13.50
C ASP B 38 -15.11 -6.07 12.56
N ARG B 39 -16.16 -6.57 11.92
CA ARG B 39 -15.99 -7.74 11.03
C ARG B 39 -16.97 -7.56 9.88
N LEU B 40 -16.46 -7.59 8.64
CA LEU B 40 -17.29 -7.52 7.43
C LEU B 40 -17.05 -8.78 6.61
N CYS B 41 -18.12 -9.46 6.23
CA CYS B 41 -18.11 -10.82 5.66
C CYS B 41 -18.88 -10.83 4.33
N VAL B 42 -18.43 -11.67 3.38
CA VAL B 42 -19.24 -12.16 2.25
C VAL B 42 -19.48 -13.66 2.50
N PHE B 43 -20.73 -14.02 2.64
CA PHE B 43 -21.24 -15.41 2.81
C PHE B 43 -21.76 -15.86 1.45
N LYS B 44 -21.18 -16.90 0.84
CA LYS B 44 -21.62 -17.36 -0.49
C LYS B 44 -22.42 -18.66 -0.28
N PHE B 45 -23.62 -18.73 -0.85
CA PHE B 45 -24.55 -19.90 -0.73
C PHE B 45 -24.09 -21.00 -1.71
N GLU B 46 -24.12 -22.24 -1.22
CA GLU B 46 -24.06 -23.47 -2.06
C GLU B 46 -25.45 -23.77 -2.65
N GLU B 47 -25.54 -24.78 -3.52
CA GLU B 47 -26.83 -25.12 -4.18
C GLU B 47 -27.93 -25.41 -3.16
N ASP B 48 -27.62 -25.97 -1.99
CA ASP B 48 -28.60 -26.36 -0.93
C ASP B 48 -28.82 -25.19 0.07
N TYR B 49 -28.23 -24.02 -0.19
CA TYR B 49 -28.37 -22.78 0.64
C TYR B 49 -27.78 -22.94 2.03
N SER B 50 -26.97 -23.97 2.25
CA SER B 50 -25.81 -23.87 3.16
C SER B 50 -24.84 -22.84 2.53
N GLY B 51 -23.82 -22.45 3.26
CA GLY B 51 -22.88 -21.48 2.68
C GLY B 51 -21.57 -21.44 3.39
N ASN B 52 -20.66 -20.61 2.85
CA ASN B 52 -19.32 -20.43 3.45
C ASN B 52 -18.98 -18.93 3.51
N ILE B 53 -18.29 -18.54 4.54
CA ILE B 53 -17.71 -17.16 4.57
C ILE B 53 -16.47 -17.22 3.72
N ILE B 54 -16.44 -16.51 2.60
CA ILE B 54 -15.36 -16.66 1.60
C ILE B 54 -14.50 -15.40 1.53
N TYR B 55 -14.97 -14.25 2.02
CA TYR B 55 -14.17 -13.01 2.17
C TYR B 55 -14.50 -12.44 3.54
N GLU B 56 -13.48 -11.91 4.20
CA GLU B 56 -13.66 -11.35 5.55
C GLU B 56 -12.60 -10.28 5.78
N ALA B 57 -12.99 -9.16 6.37
CA ALA B 57 -12.07 -8.15 6.92
C ALA B 57 -12.40 -8.01 8.38
N VAL B 58 -11.46 -8.27 9.27
CA VAL B 58 -11.77 -8.18 10.71
C VAL B 58 -10.64 -7.31 11.30
N ASP B 59 -10.93 -6.47 12.27
CA ASP B 59 -9.79 -5.75 12.91
C ASP B 59 -9.62 -6.11 14.40
N ASP B 60 -8.71 -5.44 15.11
N ASP B 60 -8.72 -5.36 15.04
CA ASP B 60 -8.69 -5.32 16.61
CA ASP B 60 -8.41 -5.49 16.48
C ASP B 60 -8.71 -6.66 17.35
C ASP B 60 -7.97 -6.95 16.63
N GLY B 61 -8.05 -7.69 16.79
N GLY B 61 -8.27 -7.57 17.75
CA GLY B 61 -7.84 -8.98 17.45
CA GLY B 61 -7.99 -8.99 17.95
C GLY B 61 -9.14 -9.75 17.68
C GLY B 61 -9.24 -9.81 17.80
N TRP B 62 -10.20 -9.43 16.93
CA TRP B 62 -11.49 -10.17 16.96
C TRP B 62 -11.32 -11.48 16.20
N LEU B 63 -12.07 -12.50 16.60
CA LEU B 63 -12.01 -13.85 15.99
C LEU B 63 -12.46 -13.77 14.53
N SER B 64 -11.66 -14.42 13.70
CA SER B 64 -11.93 -14.59 12.25
C SER B 64 -12.92 -15.74 12.07
N ILE B 65 -13.88 -15.59 11.17
CA ILE B 65 -14.77 -16.72 10.79
C ILE B 65 -14.56 -17.05 9.32
N LEU B 66 -13.49 -16.54 8.71
CA LEU B 66 -13.19 -16.86 7.31
C LEU B 66 -13.09 -18.39 7.12
N LYS B 67 -13.82 -18.93 6.13
CA LYS B 67 -13.91 -20.35 5.69
C LYS B 67 -14.91 -21.09 6.57
N THR B 68 -15.58 -20.43 7.50
CA THR B 68 -16.62 -21.13 8.31
C THR B 68 -17.75 -21.59 7.37
N HIS B 69 -18.17 -22.83 7.53
CA HIS B 69 -19.31 -23.45 6.82
C HIS B 69 -20.53 -23.32 7.73
N VAL B 70 -21.65 -22.77 7.22
CA VAL B 70 -22.86 -22.59 8.04
C VAL B 70 -24.04 -23.25 7.33
N ARG B 71 -24.78 -24.10 8.06
CA ARG B 71 -26.04 -24.72 7.58
C ARG B 71 -27.20 -23.98 8.26
N ASP B 72 -27.45 -22.77 7.81
CA ASP B 72 -28.54 -21.95 8.40
C ASP B 72 -29.86 -22.50 7.87
N CYS B 73 -30.91 -22.78 8.63
CA CYS B 73 -31.90 -23.79 8.39
C CYS B 73 -32.83 -22.68 7.93
N TYR B 74 -32.77 -21.39 8.30
CA TYR B 74 -33.71 -20.40 7.69
C TYR B 74 -33.46 -20.29 6.20
N PHE B 75 -32.21 -20.13 5.78
CA PHE B 75 -31.87 -19.97 4.35
C PHE B 75 -32.09 -21.29 3.61
N MET B 76 -31.80 -22.41 4.26
CA MET B 76 -31.96 -23.72 3.57
C MET B 76 -33.45 -23.99 3.36
N GLU B 77 -34.31 -23.60 4.27
CA GLU B 77 -35.77 -23.87 4.14
C GLU B 77 -36.44 -22.87 3.20
N THR B 78 -35.96 -21.62 3.14
CA THR B 78 -36.64 -20.60 2.31
C THR B 78 -35.94 -20.49 0.96
N ARG B 79 -34.72 -21.02 0.83
CA ARG B 79 -33.78 -20.80 -0.30
C ARG B 79 -33.55 -19.30 -0.49
N GLY B 80 -33.68 -18.55 0.58
CA GLY B 80 -33.50 -17.08 0.57
C GLY B 80 -34.55 -16.32 -0.20
N GLU B 81 -35.73 -16.91 -0.44
CA GLU B 81 -36.77 -16.22 -1.26
C GLU B 81 -37.12 -14.84 -0.66
N GLU B 82 -37.25 -14.73 0.66
CA GLU B 82 -37.66 -13.43 1.29
C GLU B 82 -36.57 -12.38 0.99
N TYR B 83 -35.32 -12.81 0.85
CA TYR B 83 -34.14 -11.92 0.61
C TYR B 83 -34.15 -11.47 -0.84
N LEU B 84 -35.05 -12.02 -1.66
CA LEU B 84 -35.19 -11.61 -3.07
C LEU B 84 -36.32 -10.59 -3.18
N HIS B 85 -37.14 -10.44 -2.15
CA HIS B 85 -38.32 -9.55 -2.13
C HIS B 85 -38.17 -8.53 -0.99
N GLY B 86 -36.95 -8.04 -0.78
CA GLY B 86 -36.70 -6.84 0.04
C GLY B 86 -36.43 -7.12 1.51
N ARG B 87 -36.33 -8.38 1.93
CA ARG B 87 -35.93 -8.65 3.33
C ARG B 87 -34.42 -8.39 3.48
N TYR B 88 -34.06 -7.80 4.61
CA TYR B 88 -32.65 -7.67 5.05
C TYR B 88 -32.72 -7.47 6.54
N GLN B 89 -31.57 -7.56 7.20
CA GLN B 89 -31.50 -7.50 8.68
C GLN B 89 -30.63 -6.32 9.06
N ALA B 90 -31.10 -5.50 9.97
CA ALA B 90 -30.33 -4.37 10.52
C ALA B 90 -30.74 -4.23 11.97
N ILE B 91 -29.89 -4.73 12.86
CA ILE B 91 -30.15 -4.74 14.31
C ILE B 91 -29.04 -4.02 15.04
N ALA B 92 -29.37 -2.98 15.83
CA ALA B 92 -28.42 -2.17 16.62
C ALA B 92 -27.92 -2.95 17.84
N ASP B 93 -28.74 -3.83 18.42
CA ASP B 93 -28.36 -4.57 19.65
C ASP B 93 -29.13 -5.88 19.70
N ILE B 94 -28.48 -7.02 19.44
CA ILE B 94 -29.19 -8.32 19.35
C ILE B 94 -29.83 -8.68 20.72
N HIS B 95 -29.33 -8.15 21.84
CA HIS B 95 -29.96 -8.30 23.19
C HIS B 95 -31.39 -7.75 23.19
N GLN B 96 -31.72 -6.77 22.36
CA GLN B 96 -33.09 -6.18 22.33
C GLN B 96 -33.97 -6.80 21.23
N ALA B 97 -33.46 -7.72 20.41
CA ALA B 97 -34.21 -8.19 19.23
C ALA B 97 -34.84 -9.57 19.51
N ASN B 98 -35.98 -9.81 18.88
CA ASN B 98 -36.69 -11.11 18.92
C ASN B 98 -36.05 -12.04 17.89
N LEU B 99 -35.26 -12.98 18.35
CA LEU B 99 -34.52 -13.95 17.49
C LEU B 99 -34.84 -15.35 18.01
N ALA B 100 -34.86 -16.29 17.09
CA ALA B 100 -34.81 -17.73 17.42
C ALA B 100 -33.54 -18.00 18.22
N GLU B 101 -33.61 -18.83 19.27
CA GLU B 101 -32.39 -19.16 20.06
C GLU B 101 -31.30 -19.78 19.18
N SER B 102 -31.68 -20.52 18.15
CA SER B 102 -30.69 -21.17 17.27
C SER B 102 -29.88 -20.10 16.55
N TYR B 103 -30.56 -19.08 16.02
CA TYR B 103 -29.87 -17.97 15.33
C TYR B 103 -29.12 -17.11 16.36
N ARG B 104 -29.72 -16.79 17.51
CA ARG B 104 -29.01 -16.07 18.62
C ARG B 104 -27.75 -16.83 19.03
N ASP B 105 -27.79 -18.17 19.10
CA ASP B 105 -26.61 -18.98 19.48
C ASP B 105 -25.51 -18.77 18.43
N PHE B 106 -25.86 -18.77 17.15
CA PHE B 106 -24.89 -18.59 16.05
C PHE B 106 -24.17 -17.25 16.26
N LEU B 107 -24.96 -16.19 16.43
CA LEU B 107 -24.40 -14.82 16.55
C LEU B 107 -23.53 -14.75 17.81
N THR B 108 -23.99 -15.33 18.93
CA THR B 108 -23.30 -15.24 20.25
C THR B 108 -21.94 -15.93 20.18
N GLN B 109 -21.91 -17.08 19.52
CA GLN B 109 -20.69 -17.92 19.31
C GLN B 109 -19.59 -17.05 18.69
N TYR B 110 -19.98 -16.12 17.82
CA TYR B 110 -19.05 -15.28 17.01
C TYR B 110 -19.02 -13.81 17.52
N GLN B 111 -19.46 -13.61 18.76
CA GLN B 111 -19.34 -12.35 19.53
C GLN B 111 -20.15 -11.22 18.90
N VAL B 112 -21.19 -11.54 18.10
CA VAL B 112 -21.95 -10.46 17.39
C VAL B 112 -22.86 -9.72 18.38
N ARG B 113 -22.73 -8.39 18.44
CA ARG B 113 -23.60 -7.52 19.26
C ARG B 113 -24.55 -6.71 18.38
N ALA B 114 -24.11 -6.32 17.19
CA ALA B 114 -24.92 -5.57 16.21
C ALA B 114 -24.67 -6.13 14.80
N ILE B 115 -25.67 -6.10 13.93
CA ILE B 115 -25.53 -6.78 12.61
C ILE B 115 -26.36 -6.08 11.53
N VAL B 116 -25.77 -5.89 10.35
CA VAL B 116 -26.50 -5.65 9.09
C VAL B 116 -26.18 -6.78 8.14
N ALA B 117 -27.19 -7.39 7.56
CA ALA B 117 -26.99 -8.41 6.51
C ALA B 117 -27.92 -8.11 5.34
N VAL B 118 -27.32 -7.96 4.18
CA VAL B 118 -28.03 -7.63 2.92
C VAL B 118 -27.71 -8.68 1.87
N PRO B 119 -28.67 -8.88 0.95
CA PRO B 119 -28.50 -9.86 -0.11
C PRO B 119 -27.49 -9.40 -1.16
N ILE B 120 -26.76 -10.37 -1.70
CA ILE B 120 -26.04 -10.26 -2.98
C ILE B 120 -26.76 -11.16 -4.00
N LEU B 121 -27.23 -10.56 -5.08
CA LEU B 121 -27.92 -11.25 -6.20
C LEU B 121 -26.94 -11.54 -7.34
N LYS B 122 -27.14 -12.69 -7.97
CA LYS B 122 -26.57 -12.96 -9.31
C LYS B 122 -27.76 -13.19 -10.26
N GLY B 123 -28.11 -12.19 -11.07
CA GLY B 123 -29.36 -12.17 -11.83
C GLY B 123 -30.54 -12.17 -10.88
N LYS B 124 -31.42 -13.16 -10.99
CA LYS B 124 -32.64 -13.28 -10.16
C LYS B 124 -32.37 -14.22 -8.96
N LYS B 125 -31.15 -14.76 -8.81
CA LYS B 125 -30.85 -15.78 -7.77
C LYS B 125 -30.15 -15.08 -6.59
N LEU B 126 -30.45 -15.51 -5.37
CA LEU B 126 -29.69 -15.10 -4.16
C LEU B 126 -28.33 -15.79 -4.15
N TRP B 127 -27.26 -15.03 -4.36
CA TRP B 127 -25.89 -15.57 -4.43
C TRP B 127 -25.23 -15.66 -3.06
N GLY B 128 -25.51 -14.68 -2.21
CA GLY B 128 -24.83 -14.56 -0.94
C GLY B 128 -25.36 -13.44 -0.08
N LEU B 129 -24.67 -13.22 1.02
CA LEU B 129 -24.99 -12.14 1.98
C LEU B 129 -23.73 -11.32 2.14
N PHE B 130 -23.93 -10.00 2.27
CA PHE B 130 -22.87 -9.07 2.72
C PHE B 130 -23.27 -8.66 4.12
N SER B 131 -22.44 -8.98 5.10
CA SER B 131 -22.80 -8.87 6.51
C SER B 131 -21.75 -8.06 7.26
N ALA B 132 -22.20 -7.08 8.03
CA ALA B 132 -21.38 -6.27 8.95
C ALA B 132 -21.71 -6.65 10.39
N HIS B 133 -20.69 -7.02 11.18
CA HIS B 133 -20.80 -7.37 12.62
C HIS B 133 -20.06 -6.34 13.47
N GLN B 134 -20.74 -5.83 14.48
CA GLN B 134 -20.07 -5.08 15.57
C GLN B 134 -19.94 -6.01 16.75
N LEU B 135 -18.74 -6.11 17.31
CA LEU B 135 -18.41 -7.07 18.39
C LEU B 135 -18.14 -6.33 19.71
N ALA B 136 -17.62 -5.10 19.67
CA ALA B 136 -17.19 -4.36 20.89
C ALA B 136 -18.41 -3.76 21.59
N ALA B 137 -19.47 -3.44 20.86
CA ALA B 137 -20.60 -2.68 21.37
C ALA B 137 -21.78 -2.73 20.42
N PRO B 138 -23.00 -2.42 20.92
CA PRO B 138 -24.17 -2.17 20.10
C PRO B 138 -23.88 -0.98 19.19
N ARG B 139 -24.62 -0.87 18.08
CA ARG B 139 -24.35 0.20 17.10
C ARG B 139 -25.66 0.64 16.47
N SER B 140 -26.05 1.91 16.62
CA SER B 140 -27.27 2.45 15.97
C SER B 140 -26.95 2.73 14.49
N TRP B 141 -27.21 1.75 13.63
CA TRP B 141 -26.93 1.83 12.17
C TRP B 141 -27.73 3.02 11.59
N GLN B 142 -27.11 3.85 10.79
CA GLN B 142 -27.77 5.00 10.12
C GLN B 142 -28.32 4.52 8.79
N ALA B 143 -29.39 5.13 8.30
CA ALA B 143 -30.00 4.82 6.99
C ALA B 143 -28.96 4.81 5.87
N TRP B 144 -28.01 5.75 5.90
CA TRP B 144 -27.07 5.87 4.78
C TRP B 144 -26.11 4.67 4.82
N GLU B 145 -25.82 4.12 5.99
CA GLU B 145 -24.84 3.02 6.10
C GLU B 145 -25.50 1.75 5.53
N ILE B 146 -26.76 1.57 5.83
CA ILE B 146 -27.53 0.39 5.33
C ILE B 146 -27.64 0.57 3.81
N GLU B 147 -27.94 1.78 3.32
CA GLU B 147 -28.00 2.03 1.85
C GLU B 147 -26.62 1.77 1.23
N PHE B 148 -25.55 2.17 1.90
CA PHE B 148 -24.20 2.02 1.36
C PHE B 148 -23.89 0.51 1.21
N LEU B 149 -24.24 -0.26 2.22
CA LEU B 149 -24.01 -1.74 2.19
C LEU B 149 -24.87 -2.36 1.08
N LYS B 150 -26.14 -2.02 1.01
CA LYS B 150 -26.99 -2.54 -0.09
C LYS B 150 -26.39 -2.21 -1.45
N GLN B 151 -25.96 -0.96 -1.65
N GLN B 151 -25.94 -0.98 -1.65
CA GLN B 151 -25.45 -0.53 -2.98
CA GLN B 151 -25.46 -0.54 -2.99
C GLN B 151 -24.10 -1.20 -3.30
C GLN B 151 -24.10 -1.17 -3.31
N GLN B 152 -23.25 -1.43 -2.31
CA GLN B 152 -22.01 -2.21 -2.53
C GLN B 152 -22.40 -3.63 -2.95
N ALA B 153 -23.42 -4.20 -2.33
CA ALA B 153 -23.90 -5.56 -2.70
C ALA B 153 -24.43 -5.57 -4.14
N VAL B 154 -25.04 -4.47 -4.63
CA VAL B 154 -25.46 -4.33 -6.03
C VAL B 154 -24.22 -4.40 -6.95
N VAL B 155 -23.17 -3.66 -6.60
CA VAL B 155 -21.94 -3.59 -7.42
C VAL B 155 -21.27 -4.98 -7.44
N MET B 156 -21.26 -5.64 -6.31
CA MET B 156 -20.70 -7.01 -6.22
C MET B 156 -21.48 -7.95 -7.16
N GLY B 157 -22.82 -7.85 -7.12
CA GLY B 157 -23.73 -8.66 -7.96
C GLY B 157 -23.40 -8.49 -9.43
N ILE B 158 -23.20 -7.25 -9.88
CA ILE B 158 -22.91 -6.98 -11.32
C ILE B 158 -21.62 -7.68 -11.70
N ALA B 159 -20.58 -7.55 -10.87
CA ALA B 159 -19.26 -8.16 -11.14
C ALA B 159 -19.43 -9.70 -11.17
N ILE B 160 -20.13 -10.25 -10.19
CA ILE B 160 -20.32 -11.73 -10.07
C ILE B 160 -21.05 -12.26 -11.32
N GLN B 161 -22.01 -11.49 -11.85
CA GLN B 161 -22.82 -11.88 -13.03
C GLN B 161 -21.95 -12.08 -14.27
N GLN B 162 -20.71 -11.57 -14.28
CA GLN B 162 -19.83 -11.68 -15.46
C GLN B 162 -19.06 -13.00 -15.50
N SER B 163 -19.15 -13.87 -14.50
CA SER B 163 -18.45 -15.19 -14.57
C SER B 163 -19.32 -16.31 -13.97
N SER C 12 10.35 -22.25 -1.76
CA SER C 12 10.94 -22.39 -3.13
C SER C 12 11.90 -21.23 -3.39
N ALA C 13 12.84 -21.42 -4.32
CA ALA C 13 13.87 -20.43 -4.74
C ALA C 13 13.18 -19.14 -5.20
N ALA C 14 12.12 -19.24 -6.01
CA ALA C 14 11.35 -18.11 -6.58
C ALA C 14 10.72 -17.28 -5.44
N GLY C 15 10.35 -17.92 -4.33
CA GLY C 15 9.75 -17.27 -3.15
C GLY C 15 10.76 -16.46 -2.38
N THR C 16 11.90 -17.08 -2.04
CA THR C 16 13.06 -16.45 -1.37
C THR C 16 13.58 -15.33 -2.27
N MET C 17 13.59 -15.54 -3.59
CA MET C 17 14.07 -14.53 -4.57
C MET C 17 13.09 -13.35 -4.69
N ALA C 18 11.78 -13.59 -4.75
CA ALA C 18 10.80 -12.48 -4.83
C ALA C 18 10.94 -11.63 -3.55
N ASN C 19 11.19 -12.25 -2.41
CA ASN C 19 11.26 -11.52 -1.12
C ASN C 19 12.49 -10.57 -1.12
N LEU C 20 13.65 -11.10 -1.48
CA LEU C 20 14.90 -10.30 -1.61
C LEU C 20 14.70 -9.22 -2.64
N ASP C 21 14.14 -9.53 -3.80
CA ASP C 21 13.90 -8.52 -4.86
C ASP C 21 13.03 -7.38 -4.35
N LYS C 22 11.99 -7.69 -3.59
CA LYS C 22 11.13 -6.63 -3.08
C LYS C 22 11.89 -5.79 -2.02
N MET C 23 12.66 -6.41 -1.15
CA MET C 23 13.45 -5.63 -0.14
C MET C 23 14.45 -4.71 -0.87
N LEU C 24 15.20 -5.25 -1.84
CA LEU C 24 16.20 -4.41 -2.55
C LEU C 24 15.50 -3.29 -3.30
N ASN C 25 14.43 -3.57 -4.03
CA ASN C 25 13.66 -2.56 -4.78
C ASN C 25 13.10 -1.49 -3.83
N THR C 26 12.66 -1.88 -2.64
CA THR C 26 12.20 -0.90 -1.64
C THR C 26 13.36 0.01 -1.21
N ILE C 27 14.57 -0.51 -0.98
CA ILE C 27 15.71 0.34 -0.53
C ILE C 27 15.98 1.40 -1.58
N VAL C 28 15.94 0.98 -2.85
CA VAL C 28 16.20 1.90 -3.97
C VAL C 28 15.12 2.98 -4.01
N THR C 29 13.83 2.63 -3.99
CA THR C 29 12.75 3.63 -3.94
C THR C 29 12.96 4.56 -2.72
N GLU C 30 13.16 3.99 -1.54
CA GLU C 30 13.24 4.69 -0.22
C GLU C 30 14.29 5.79 -0.33
N VAL C 31 15.47 5.38 -0.78
CA VAL C 31 16.65 6.27 -0.81
C VAL C 31 16.45 7.35 -1.88
N ARG C 32 15.90 7.00 -3.05
CA ARG C 32 15.71 7.99 -4.13
C ARG C 32 14.78 9.11 -3.63
N GLN C 33 13.72 8.72 -2.94
CA GLN C 33 12.76 9.71 -2.37
C GLN C 33 13.42 10.53 -1.26
N PHE C 34 14.15 9.89 -0.36
CA PHE C 34 14.71 10.58 0.83
C PHE C 34 15.75 11.59 0.33
N LEU C 35 16.57 11.19 -0.65
CA LEU C 35 17.68 12.06 -1.12
C LEU C 35 17.25 12.97 -2.28
N GLN C 36 16.09 12.73 -2.85
CA GLN C 36 15.51 13.51 -3.98
C GLN C 36 16.53 13.46 -5.11
N VAL C 37 16.93 12.27 -5.45
CA VAL C 37 17.85 12.00 -6.59
C VAL C 37 17.02 11.72 -7.82
N ASP C 38 17.46 12.21 -8.98
CA ASP C 38 16.75 11.93 -10.24
C ASP C 38 16.67 10.43 -10.56
N ARG C 39 17.77 9.68 -10.42
CA ARG C 39 17.83 8.25 -10.80
C ARG C 39 18.72 7.57 -9.77
N LEU C 40 18.17 6.55 -9.15
CA LEU C 40 19.00 5.68 -8.30
C LEU C 40 18.95 4.28 -8.88
N CYS C 41 20.11 3.63 -9.02
CA CYS C 41 20.29 2.37 -9.76
C CYS C 41 21.04 1.37 -8.91
N VAL C 42 20.74 0.09 -9.12
CA VAL C 42 21.66 -0.99 -8.72
C VAL C 42 22.16 -1.66 -9.99
N PHE C 43 23.47 -1.67 -10.13
CA PHE C 43 24.15 -2.29 -11.30
C PHE C 43 24.78 -3.58 -10.77
N LYS C 44 24.28 -4.70 -11.27
CA LYS C 44 24.77 -6.02 -10.85
C LYS C 44 25.79 -6.58 -11.86
N PHE C 45 26.97 -6.96 -11.39
CA PHE C 45 28.09 -7.44 -12.24
C PHE C 45 27.82 -8.90 -12.63
N GLU C 46 28.09 -9.23 -13.88
CA GLU C 46 28.28 -10.64 -14.36
C GLU C 46 29.67 -11.17 -14.01
N GLU C 47 29.95 -12.46 -14.33
CA GLU C 47 31.24 -13.08 -13.97
C GLU C 47 32.41 -12.33 -14.64
N ASP C 48 32.17 -11.76 -15.80
CA ASP C 48 33.21 -11.02 -16.57
C ASP C 48 33.26 -9.52 -16.20
N TYR C 49 32.50 -9.06 -15.18
CA TYR C 49 32.40 -7.63 -14.76
C TYR C 49 31.82 -6.70 -15.82
N SER C 50 31.18 -7.19 -16.90
CA SER C 50 30.04 -6.49 -17.54
C SER C 50 28.93 -6.44 -16.46
N GLY C 51 27.86 -5.74 -16.72
CA GLY C 51 26.77 -5.69 -15.73
C GLY C 51 25.48 -5.24 -16.34
N ASN C 52 24.42 -5.27 -15.52
CA ASN C 52 23.06 -4.92 -15.90
C ASN C 52 22.48 -4.05 -14.78
N ILE C 53 21.73 -3.05 -15.18
CA ILE C 53 20.90 -2.22 -14.26
C ILE C 53 19.72 -3.14 -13.87
N ILE C 54 19.67 -3.62 -12.64
CA ILE C 54 18.59 -4.59 -12.27
C ILE C 54 17.53 -3.96 -11.35
N TYR C 55 17.85 -2.88 -10.62
CA TYR C 55 16.87 -2.07 -9.88
C TYR C 55 17.08 -0.61 -10.23
N GLU C 56 15.99 0.11 -10.26
CA GLU C 56 15.98 1.55 -10.56
C GLU C 56 14.77 2.22 -9.96
N ALA C 57 15.01 3.40 -9.47
CA ALA C 57 13.97 4.37 -9.08
C ALA C 57 14.31 5.67 -9.80
N VAL C 58 13.36 6.21 -10.54
CA VAL C 58 13.59 7.45 -11.32
C VAL C 58 12.42 8.40 -11.13
N ASP C 59 12.74 9.68 -10.89
CA ASP C 59 11.84 10.86 -10.73
C ASP C 59 11.00 10.98 -12.01
N ASP C 60 9.80 11.56 -11.91
CA ASP C 60 8.89 11.69 -13.07
C ASP C 60 9.55 12.55 -14.13
N GLY C 61 9.51 12.09 -15.39
CA GLY C 61 9.94 12.85 -16.57
C GLY C 61 11.09 12.18 -17.29
N TRP C 62 11.79 11.24 -16.61
CA TRP C 62 13.02 10.59 -17.13
C TRP C 62 12.69 9.19 -17.64
N LEU C 63 13.28 8.80 -18.78
CA LEU C 63 13.21 7.44 -19.36
C LEU C 63 13.96 6.45 -18.45
N SER C 64 13.39 5.27 -18.27
CA SER C 64 14.02 4.15 -17.52
C SER C 64 15.24 3.56 -18.25
N ILE C 65 16.29 3.19 -17.51
CA ILE C 65 17.43 2.40 -18.07
C ILE C 65 17.47 1.01 -17.43
N LEU C 66 16.35 0.53 -16.86
CA LEU C 66 16.33 -0.83 -16.29
C LEU C 66 16.66 -1.82 -17.41
N LYS C 67 17.51 -2.77 -17.07
CA LYS C 67 18.00 -3.93 -17.86
C LYS C 67 19.06 -3.50 -18.88
N THR C 68 19.38 -2.22 -18.96
CA THR C 68 20.57 -1.74 -19.75
C THR C 68 21.78 -2.59 -19.38
N HIS C 69 22.50 -3.12 -20.40
CA HIS C 69 23.71 -3.96 -20.24
C HIS C 69 24.93 -3.07 -20.48
N VAL C 70 25.91 -3.01 -19.57
CA VAL C 70 27.07 -2.09 -19.75
C VAL C 70 28.34 -2.91 -19.66
N ARG C 71 29.23 -2.73 -20.67
CA ARG C 71 30.55 -3.39 -20.73
C ARG C 71 31.59 -2.31 -20.49
N ASP C 72 31.75 -1.93 -19.23
CA ASP C 72 32.70 -0.88 -18.78
C ASP C 72 34.07 -1.52 -18.69
N CYS C 73 35.16 -0.93 -19.24
CA CYS C 73 36.35 -1.52 -19.68
C CYS C 73 36.99 -1.17 -18.36
N TYR C 74 36.68 -0.15 -17.52
CA TYR C 74 37.37 -0.05 -16.19
C TYR C 74 37.05 -1.25 -15.29
N PHE C 75 35.78 -1.59 -15.17
CA PHE C 75 35.37 -2.71 -14.30
C PHE C 75 35.80 -4.04 -14.91
N MET C 76 35.71 -4.18 -16.23
CA MET C 76 36.11 -5.48 -16.87
C MET C 76 37.63 -5.71 -16.82
N GLU C 77 38.43 -4.66 -16.89
CA GLU C 77 39.91 -4.80 -16.71
C GLU C 77 40.25 -5.13 -15.27
N THR C 78 39.71 -4.40 -14.30
CA THR C 78 40.15 -4.45 -12.90
C THR C 78 39.35 -5.50 -12.12
N ARG C 79 38.25 -5.96 -12.68
CA ARG C 79 37.26 -6.82 -11.96
C ARG C 79 36.83 -6.11 -10.68
N GLY C 80 36.91 -4.78 -10.66
CA GLY C 80 36.46 -3.99 -9.51
C GLY C 80 37.32 -4.16 -8.28
N GLU C 81 38.56 -4.62 -8.41
CA GLU C 81 39.47 -4.82 -7.24
C GLU C 81 39.52 -3.57 -6.37
N GLU C 82 39.65 -2.38 -6.95
CA GLU C 82 39.81 -1.15 -6.14
C GLU C 82 38.51 -0.86 -5.38
N TYR C 83 37.35 -1.25 -5.92
CA TYR C 83 36.03 -1.06 -5.24
C TYR C 83 35.89 -2.02 -4.05
N LEU C 84 36.73 -3.05 -3.99
CA LEU C 84 36.84 -3.88 -2.76
C LEU C 84 37.66 -3.23 -1.67
N HIS C 85 38.45 -2.21 -1.94
CA HIS C 85 39.42 -1.65 -0.96
C HIS C 85 39.15 -0.16 -0.77
N GLY C 86 37.87 0.20 -0.78
CA GLY C 86 37.35 1.50 -0.35
C GLY C 86 37.24 2.51 -1.48
N ARG C 87 37.40 2.11 -2.77
CA ARG C 87 37.31 3.14 -3.83
C ARG C 87 35.81 3.38 -4.03
N TYR C 88 35.45 4.61 -4.29
CA TYR C 88 34.08 4.95 -4.75
C TYR C 88 34.25 6.22 -5.55
N GLN C 89 33.17 6.67 -6.15
CA GLN C 89 33.16 7.92 -6.93
C GLN C 89 32.08 8.87 -6.40
N ALA C 90 32.43 10.14 -6.25
CA ALA C 90 31.43 11.17 -5.97
C ALA C 90 31.87 12.42 -6.71
N ILE C 91 31.12 12.79 -7.72
CA ILE C 91 31.41 14.00 -8.56
C ILE C 91 30.18 14.91 -8.58
N ALA C 92 30.37 16.16 -8.16
CA ALA C 92 29.30 17.18 -8.06
C ALA C 92 28.92 17.68 -9.46
N ASP C 93 29.88 17.75 -10.38
CA ASP C 93 29.65 18.41 -11.67
C ASP C 93 30.51 17.69 -12.70
N ILE C 94 29.90 16.80 -13.48
CA ILE C 94 30.65 15.98 -14.48
C ILE C 94 31.22 16.90 -15.54
N HIS C 95 30.48 17.94 -15.92
N HIS C 95 30.50 17.97 -15.91
CA HIS C 95 30.93 18.95 -16.91
CA HIS C 95 30.95 18.97 -16.93
C HIS C 95 32.29 19.49 -16.48
C HIS C 95 32.24 19.67 -16.47
N GLN C 96 32.52 19.73 -15.16
CA GLN C 96 33.73 20.42 -14.66
C GLN C 96 34.78 19.40 -14.21
N ALA C 97 34.56 18.11 -14.36
CA ALA C 97 35.49 17.09 -13.85
C ALA C 97 36.46 16.65 -14.93
N ASN C 98 37.63 16.22 -14.47
CA ASN C 98 38.68 15.64 -15.34
C ASN C 98 38.34 14.17 -15.50
N LEU C 99 37.78 13.76 -16.61
CA LEU C 99 37.40 12.34 -16.84
C LEU C 99 37.98 11.84 -18.15
N ALA C 100 38.18 10.53 -18.24
CA ALA C 100 38.41 9.84 -19.51
C ALA C 100 37.27 10.13 -20.48
N GLU C 101 37.60 10.48 -21.73
CA GLU C 101 36.60 10.76 -22.76
C GLU C 101 35.59 9.61 -22.85
N SER C 102 36.02 8.35 -22.81
CA SER C 102 35.10 7.20 -23.01
C SER C 102 34.09 7.14 -21.84
N TYR C 103 34.51 7.47 -20.64
CA TYR C 103 33.60 7.45 -19.47
C TYR C 103 32.69 8.68 -19.56
N ARG C 104 33.21 9.85 -19.97
CA ARG C 104 32.39 11.05 -20.22
C ARG C 104 31.32 10.68 -21.26
N ASP C 105 31.68 9.93 -22.29
CA ASP C 105 30.67 9.50 -23.30
C ASP C 105 29.59 8.62 -22.64
N PHE C 106 29.96 7.69 -21.79
CA PHE C 106 29.00 6.81 -21.08
C PHE C 106 28.07 7.71 -20.26
N LEU C 107 28.64 8.61 -19.44
CA LEU C 107 27.81 9.51 -18.59
C LEU C 107 26.89 10.38 -19.46
N THR C 108 27.39 10.91 -20.57
CA THR C 108 26.61 11.75 -21.51
C THR C 108 25.43 10.96 -22.07
N GLN C 109 25.67 9.73 -22.53
CA GLN C 109 24.64 8.80 -23.08
C GLN C 109 23.49 8.71 -22.09
N TYR C 110 23.77 8.69 -20.78
CA TYR C 110 22.75 8.49 -19.72
C TYR C 110 22.40 9.79 -18.97
N GLN C 111 22.74 10.95 -19.53
CA GLN C 111 22.32 12.31 -19.11
C GLN C 111 22.84 12.62 -17.70
N VAL C 112 23.92 11.98 -17.28
CA VAL C 112 24.38 12.15 -15.87
C VAL C 112 25.12 13.49 -15.72
N ARG C 113 24.68 14.38 -14.82
CA ARG C 113 25.37 15.67 -14.51
C ARG C 113 26.17 15.59 -13.20
N ALA C 114 25.77 14.71 -12.29
CA ALA C 114 26.42 14.51 -10.98
C ALA C 114 26.22 13.04 -10.57
N ILE C 115 27.20 12.45 -9.91
CA ILE C 115 27.13 10.99 -9.62
C ILE C 115 27.73 10.70 -8.27
N VAL C 116 27.15 9.69 -7.61
CA VAL C 116 27.82 8.93 -6.53
C VAL C 116 27.63 7.46 -6.85
N ALA C 117 28.71 6.73 -6.85
CA ALA C 117 28.74 5.28 -7.12
C ALA C 117 29.54 4.62 -6.03
N VAL C 118 28.91 3.70 -5.32
CA VAL C 118 29.51 2.99 -4.18
C VAL C 118 29.35 1.49 -4.39
N PRO C 119 30.33 0.72 -3.92
CA PRO C 119 30.28 -0.73 -4.07
C PRO C 119 29.20 -1.40 -3.22
N ILE C 120 28.66 -2.48 -3.76
CA ILE C 120 27.83 -3.49 -3.03
C ILE C 120 28.66 -4.77 -2.98
N LEU C 121 28.92 -5.28 -1.79
CA LEU C 121 29.71 -6.52 -1.63
C LEU C 121 28.76 -7.67 -1.33
N LYS C 122 29.13 -8.84 -1.81
CA LYS C 122 28.51 -10.11 -1.33
C LYS C 122 29.64 -10.97 -0.78
N GLY C 123 29.73 -11.02 0.56
CA GLY C 123 30.92 -11.52 1.28
C GLY C 123 32.16 -10.76 0.84
N LYS C 124 33.10 -11.43 0.21
CA LYS C 124 34.38 -10.78 -0.14
C LYS C 124 34.36 -10.35 -1.61
N LYS C 125 33.26 -10.57 -2.33
CA LYS C 125 33.19 -10.31 -3.78
C LYS C 125 32.52 -8.94 -4.01
N LEU C 126 32.99 -8.24 -5.03
CA LEU C 126 32.24 -7.07 -5.54
C LEU C 126 31.04 -7.59 -6.32
N TRP C 127 29.84 -7.35 -5.79
CA TRP C 127 28.60 -7.85 -6.40
C TRP C 127 28.01 -6.82 -7.36
N GLY C 128 28.12 -5.52 -7.06
CA GLY C 128 27.47 -4.52 -7.88
C GLY C 128 27.82 -3.12 -7.45
N LEU C 129 27.17 -2.16 -8.08
CA LEU C 129 27.22 -0.72 -7.70
C LEU C 129 25.84 -0.23 -7.30
N PHE C 130 25.82 0.66 -6.31
CA PHE C 130 24.65 1.49 -5.95
C PHE C 130 24.99 2.89 -6.44
N SER C 131 24.24 3.42 -7.39
CA SER C 131 24.61 4.67 -8.08
C SER C 131 23.46 5.65 -8.01
N ALA C 132 23.80 6.88 -7.63
CA ALA C 132 22.89 8.05 -7.61
C ALA C 132 23.28 8.93 -8.75
N HIS C 133 22.34 9.18 -9.66
CA HIS C 133 22.57 10.09 -10.81
C HIS C 133 21.65 11.30 -10.69
N GLN C 134 22.22 12.49 -10.76
CA GLN C 134 21.43 13.71 -10.96
C GLN C 134 21.48 14.00 -12.44
N LEU C 135 20.31 14.27 -13.02
CA LEU C 135 20.20 14.37 -14.49
C LEU C 135 19.93 15.79 -14.97
N ALA C 136 19.36 16.65 -14.14
CA ALA C 136 18.98 17.99 -14.57
C ALA C 136 20.13 18.99 -14.38
N ALA C 137 20.98 18.79 -13.37
CA ALA C 137 21.94 19.82 -12.94
C ALA C 137 22.99 19.17 -12.06
N PRO C 138 24.14 19.87 -11.86
CA PRO C 138 25.10 19.44 -10.84
C PRO C 138 24.46 19.37 -9.45
N ARG C 139 25.14 18.67 -8.54
CA ARG C 139 24.70 18.58 -7.14
C ARG C 139 25.90 18.53 -6.21
N SER C 140 25.94 19.42 -5.22
CA SER C 140 27.02 19.43 -4.21
C SER C 140 26.69 18.35 -3.17
N TRP C 141 27.15 17.13 -3.39
CA TRP C 141 26.91 15.99 -2.48
C TRP C 141 27.49 16.32 -1.10
N GLN C 142 26.77 16.04 -0.04
CA GLN C 142 27.21 16.26 1.35
C GLN C 142 27.85 14.97 1.84
N ALA C 143 28.80 15.07 2.74
CA ALA C 143 29.46 13.89 3.33
C ALA C 143 28.41 12.91 3.86
N TRP C 144 27.34 13.39 4.47
CA TRP C 144 26.37 12.49 5.14
C TRP C 144 25.62 11.70 4.09
N GLU C 145 25.42 12.30 2.90
CA GLU C 145 24.68 11.63 1.82
C GLU C 145 25.53 10.50 1.22
N ILE C 146 26.82 10.74 1.08
CA ILE C 146 27.79 9.71 0.63
C ILE C 146 27.85 8.58 1.68
N GLU C 147 27.87 8.93 2.96
CA GLU C 147 27.87 7.91 4.02
C GLU C 147 26.54 7.14 4.00
N PHE C 148 25.42 7.81 3.79
CA PHE C 148 24.07 7.18 3.75
C PHE C 148 24.03 6.17 2.61
N LEU C 149 24.52 6.55 1.45
CA LEU C 149 24.57 5.61 0.29
C LEU C 149 25.48 4.42 0.59
N LYS C 150 26.63 4.62 1.18
CA LYS C 150 27.52 3.49 1.52
C LYS C 150 26.84 2.54 2.50
N GLN C 151 26.22 3.09 3.53
CA GLN C 151 25.64 2.23 4.61
C GLN C 151 24.40 1.51 4.08
N GLN C 152 23.67 2.09 3.15
CA GLN C 152 22.53 1.41 2.49
C GLN C 152 23.07 0.30 1.59
N ALA C 153 24.24 0.49 0.98
CA ALA C 153 24.84 -0.61 0.19
C ALA C 153 25.26 -1.75 1.12
N VAL C 154 25.70 -1.45 2.33
CA VAL C 154 26.02 -2.47 3.37
C VAL C 154 24.74 -3.27 3.66
N VAL C 155 23.62 -2.60 3.86
CA VAL C 155 22.33 -3.25 4.16
C VAL C 155 22.00 -4.21 3.01
N MET C 156 22.10 -3.73 1.79
CA MET C 156 21.79 -4.54 0.59
C MET C 156 22.71 -5.76 0.55
N GLY C 157 24.02 -5.59 0.79
CA GLY C 157 24.97 -6.73 0.79
C GLY C 157 24.60 -7.81 1.78
N ILE C 158 24.25 -7.40 3.01
CA ILE C 158 23.82 -8.40 4.04
C ILE C 158 22.64 -9.20 3.47
N ALA C 159 21.65 -8.54 2.91
CA ALA C 159 20.43 -9.22 2.36
C ALA C 159 20.78 -10.17 1.22
N ILE C 160 21.67 -9.72 0.34
CA ILE C 160 22.10 -10.48 -0.87
C ILE C 160 22.88 -11.72 -0.44
N GLN C 161 23.69 -11.65 0.60
CA GLN C 161 24.50 -12.80 1.06
C GLN C 161 23.60 -13.96 1.50
N GLN C 162 22.26 -13.82 1.46
CA GLN C 162 21.34 -14.93 1.90
C GLN C 162 20.83 -15.73 0.70
N SER C 163 21.02 -15.24 -0.53
CA SER C 163 20.60 -15.91 -1.79
C SER C 163 21.84 -16.30 -2.62
N ALA D 14 7.85 19.92 9.38
CA ALA D 14 7.91 20.53 8.03
C ALA D 14 7.75 19.43 6.97
N GLY D 15 8.25 19.69 5.75
CA GLY D 15 8.42 18.67 4.69
C GLY D 15 9.69 17.86 4.93
N THR D 16 10.60 18.39 5.74
CA THR D 16 11.79 17.64 6.25
C THR D 16 11.27 16.46 7.11
N MET D 17 10.35 16.72 8.04
CA MET D 17 9.77 15.71 8.95
C MET D 17 9.01 14.65 8.14
N ALA D 18 8.22 15.06 7.15
CA ALA D 18 7.40 14.15 6.32
C ALA D 18 8.34 13.20 5.59
N ASN D 19 9.45 13.73 5.05
CA ASN D 19 10.41 12.95 4.23
C ASN D 19 11.06 11.86 5.12
N LEU D 20 11.45 12.26 6.33
CA LEU D 20 12.03 11.29 7.29
C LEU D 20 10.97 10.26 7.69
N ASP D 21 9.73 10.67 8.00
CA ASP D 21 8.67 9.75 8.45
C ASP D 21 8.38 8.72 7.36
N LYS D 22 8.35 9.16 6.10
CA LYS D 22 8.10 8.27 4.96
C LYS D 22 9.21 7.23 4.87
N MET D 23 10.46 7.65 5.01
CA MET D 23 11.59 6.70 4.90
C MET D 23 11.50 5.67 6.05
N LEU D 24 11.32 6.13 7.28
CA LEU D 24 11.29 5.20 8.43
C LEU D 24 10.08 4.26 8.31
N ASN D 25 8.90 4.75 7.94
N ASN D 25 8.92 4.75 7.93
CA ASN D 25 7.72 3.87 7.74
CA ASN D 25 7.75 3.86 7.78
C ASN D 25 8.02 2.83 6.65
C ASN D 25 8.01 2.85 6.66
N THR D 26 8.69 3.26 5.59
CA THR D 26 9.01 2.34 4.45
C THR D 26 9.93 1.25 4.93
N ILE D 27 10.98 1.61 5.66
CA ILE D 27 11.92 0.63 6.25
C ILE D 27 11.14 -0.32 7.16
N VAL D 28 10.40 0.19 8.12
CA VAL D 28 9.75 -0.74 9.06
C VAL D 28 8.79 -1.68 8.32
N THR D 29 7.97 -1.17 7.41
CA THR D 29 6.96 -2.00 6.72
C THR D 29 7.64 -3.13 5.94
N GLU D 30 8.68 -2.79 5.19
CA GLU D 30 9.25 -3.80 4.26
C GLU D 30 10.16 -4.75 5.04
N VAL D 31 10.92 -4.25 6.02
CA VAL D 31 11.80 -5.14 6.82
C VAL D 31 10.93 -6.16 7.59
N ARG D 32 9.76 -5.76 8.05
CA ARG D 32 8.87 -6.70 8.76
C ARG D 32 8.54 -7.86 7.81
N GLN D 33 8.20 -7.55 6.56
CA GLN D 33 7.82 -8.59 5.56
C GLN D 33 9.03 -9.40 5.13
N PHE D 34 10.18 -8.77 4.89
CA PHE D 34 11.42 -9.46 4.51
C PHE D 34 11.86 -10.51 5.55
N LEU D 35 11.84 -10.16 6.85
CA LEU D 35 12.33 -11.03 7.93
C LEU D 35 11.17 -11.87 8.49
N GLN D 36 9.95 -11.66 8.03
N GLN D 36 9.96 -11.65 8.02
CA GLN D 36 8.76 -12.41 8.51
CA GLN D 36 8.74 -12.36 8.50
C GLN D 36 8.62 -12.28 10.03
C GLN D 36 8.64 -12.28 10.02
N VAL D 37 8.85 -11.07 10.54
CA VAL D 37 8.70 -10.72 11.97
C VAL D 37 7.23 -10.44 12.24
N ASP D 38 6.69 -10.90 13.38
CA ASP D 38 5.28 -10.60 13.71
C ASP D 38 5.04 -9.11 13.95
N ARG D 39 5.87 -8.44 14.75
CA ARG D 39 5.73 -6.99 15.06
C ARG D 39 7.11 -6.36 15.01
N LEU D 40 7.29 -5.35 14.18
CA LEU D 40 8.57 -4.63 14.08
C LEU D 40 8.28 -3.16 14.43
N CYS D 41 8.99 -2.62 15.45
CA CYS D 41 8.70 -1.33 16.09
C CYS D 41 9.92 -0.43 16.11
N VAL D 42 9.66 0.88 16.06
CA VAL D 42 10.65 1.90 16.44
C VAL D 42 10.12 2.58 17.71
N PHE D 43 10.91 2.49 18.77
CA PHE D 43 10.66 3.07 20.11
C PHE D 43 11.58 4.27 20.24
N LYS D 44 11.00 5.46 20.36
CA LYS D 44 11.79 6.70 20.46
C LYS D 44 11.79 7.17 21.91
N PHE D 45 12.96 7.45 22.42
CA PHE D 45 13.14 7.92 23.82
C PHE D 45 12.72 9.39 23.92
N GLU D 46 12.09 9.71 25.04
CA GLU D 46 11.90 11.11 25.49
C GLU D 46 13.17 11.59 26.18
N GLU D 47 13.21 12.87 26.59
CA GLU D 47 14.39 13.43 27.30
C GLU D 47 14.72 12.64 28.59
N ASP D 48 13.73 12.08 29.27
CA ASP D 48 13.92 11.35 30.54
C ASP D 48 14.16 9.85 30.27
N TYR D 49 14.22 9.43 29.00
CA TYR D 49 14.45 8.01 28.59
C TYR D 49 13.26 7.13 28.97
N SER D 50 12.08 7.69 29.24
CA SER D 50 10.82 7.04 28.89
C SER D 50 10.75 7.04 27.35
N GLY D 51 9.75 6.42 26.77
CA GLY D 51 9.64 6.47 25.30
C GLY D 51 8.30 6.03 24.82
N ASN D 52 8.15 6.05 23.49
CA ASN D 52 6.88 5.83 22.78
C ASN D 52 7.13 4.99 21.51
N ILE D 53 6.23 4.07 21.20
CA ILE D 53 6.28 3.34 19.91
C ILE D 53 5.77 4.31 18.85
N ILE D 54 6.64 4.70 17.91
CA ILE D 54 6.23 5.75 16.93
C ILE D 54 6.12 5.19 15.51
N TYR D 55 6.73 4.04 15.23
CA TYR D 55 6.54 3.31 13.92
C TYR D 55 6.33 1.85 14.24
N GLU D 56 5.42 1.23 13.52
CA GLU D 56 5.04 -0.17 13.75
C GLU D 56 4.64 -0.83 12.45
N ALA D 57 5.03 -2.07 12.27
CA ALA D 57 4.45 -2.94 11.25
C ALA D 57 4.14 -4.27 11.91
N VAL D 58 2.89 -4.72 11.83
CA VAL D 58 2.48 -5.93 12.56
C VAL D 58 1.69 -6.82 11.60
N ASP D 59 1.86 -8.13 11.67
CA ASP D 59 1.15 -9.07 10.76
C ASP D 59 -0.15 -9.53 11.43
N ASP D 60 -0.73 -10.62 10.89
CA ASP D 60 -1.85 -11.40 11.48
C ASP D 60 -2.87 -10.43 12.09
N GLY D 61 -3.45 -10.82 13.21
CA GLY D 61 -4.53 -10.08 13.88
C GLY D 61 -4.08 -9.52 15.21
N TRP D 62 -2.79 -9.25 15.37
CA TRP D 62 -2.26 -8.71 16.65
C TRP D 62 -2.73 -7.26 16.79
N LEU D 63 -3.13 -6.85 17.98
CA LEU D 63 -3.49 -5.43 18.24
C LEU D 63 -2.24 -4.56 18.00
N SER D 64 -2.45 -3.39 17.42
CA SER D 64 -1.41 -2.36 17.27
C SER D 64 -0.98 -1.90 18.67
N ILE D 65 0.30 -1.64 18.83
CA ILE D 65 0.82 -0.90 20.02
C ILE D 65 1.46 0.42 19.62
N LEU D 66 1.14 0.93 18.44
CA LEU D 66 1.54 2.30 18.07
C LEU D 66 1.01 3.28 19.15
N LYS D 67 1.89 4.21 19.56
CA LYS D 67 1.65 5.27 20.58
C LYS D 67 1.67 4.67 21.98
N THR D 68 2.06 3.40 22.13
CA THR D 68 2.32 2.85 23.48
C THR D 68 3.45 3.61 24.14
N HIS D 69 3.25 3.98 25.42
CA HIS D 69 4.23 4.70 26.25
C HIS D 69 4.86 3.69 27.23
N VAL D 70 6.17 3.71 27.38
CA VAL D 70 6.87 2.79 28.31
C VAL D 70 7.85 3.60 29.13
N ARG D 71 7.80 3.37 30.45
CA ARG D 71 8.78 3.91 31.42
C ARG D 71 9.70 2.77 31.86
N ASP D 72 10.63 2.38 31.01
CA ASP D 72 11.56 1.28 31.36
C ASP D 72 12.67 1.86 32.28
N CYS D 73 13.11 1.29 33.41
CA CYS D 73 13.68 1.96 34.52
C CYS D 73 15.03 1.46 34.09
N TYR D 74 15.34 0.40 33.31
CA TYR D 74 16.74 0.21 32.86
C TYR D 74 17.17 1.41 31.98
N PHE D 75 16.37 1.77 30.98
CA PHE D 75 16.73 2.88 30.06
C PHE D 75 16.72 4.22 30.82
N MET D 76 15.77 4.42 31.71
CA MET D 76 15.67 5.71 32.44
C MET D 76 16.86 5.88 33.39
N GLU D 77 17.41 4.84 33.97
CA GLU D 77 18.55 5.00 34.90
C GLU D 77 19.87 5.05 34.13
N THR D 78 20.02 4.30 33.03
CA THR D 78 21.29 4.31 32.26
C THR D 78 21.32 5.43 31.24
N ARG D 79 20.15 5.98 30.91
CA ARG D 79 19.96 6.85 29.71
C ARG D 79 20.61 6.18 28.49
N GLY D 80 20.59 4.84 28.46
CA GLY D 80 21.05 4.03 27.31
C GLY D 80 22.55 4.02 27.11
N GLU D 81 23.34 4.37 28.13
CA GLU D 81 24.81 4.54 27.97
C GLU D 81 25.41 3.22 27.49
N GLU D 82 24.88 2.08 27.94
CA GLU D 82 25.41 0.73 27.57
C GLU D 82 25.10 0.44 26.08
N TYR D 83 24.01 1.00 25.54
CA TYR D 83 23.55 0.82 24.12
C TYR D 83 24.31 1.76 23.19
N LEU D 84 25.19 2.63 23.72
CA LEU D 84 26.05 3.55 22.92
C LEU D 84 27.34 2.83 22.53
N HIS D 85 27.72 1.87 23.37
CA HIS D 85 28.91 1.00 23.24
C HIS D 85 28.43 -0.41 22.87
N GLY D 86 27.51 -0.50 21.90
CA GLY D 86 27.18 -1.70 21.11
C GLY D 86 26.51 -2.83 21.89
N ARG D 87 25.90 -2.55 23.04
CA ARG D 87 25.00 -3.53 23.67
C ARG D 87 23.77 -3.68 22.76
N TYR D 88 23.22 -4.88 22.64
CA TYR D 88 21.93 -5.12 21.94
C TYR D 88 21.31 -6.32 22.63
N GLN D 89 20.04 -6.63 22.38
CA GLN D 89 19.43 -7.84 22.93
C GLN D 89 18.98 -8.77 21.81
N ALA D 90 19.25 -10.07 21.90
CA ALA D 90 18.61 -11.06 21.01
C ALA D 90 18.31 -12.29 21.85
N ILE D 91 17.04 -12.61 21.96
CA ILE D 91 16.58 -13.76 22.78
C ILE D 91 15.67 -14.59 21.91
N ALA D 92 15.99 -15.86 21.72
CA ALA D 92 15.21 -16.80 20.90
C ALA D 92 13.94 -17.19 21.62
N ASP D 93 14.00 -17.29 22.95
CA ASP D 93 12.87 -17.86 23.72
C ASP D 93 12.81 -17.22 25.09
N ILE D 94 11.92 -16.24 25.24
CA ILE D 94 11.87 -15.45 26.49
C ILE D 94 11.51 -16.36 27.67
N HIS D 95 10.66 -17.36 27.42
CA HIS D 95 10.25 -18.34 28.44
C HIS D 95 11.49 -19.03 29.03
N GLN D 96 12.56 -19.20 28.26
CA GLN D 96 13.75 -19.95 28.70
C GLN D 96 14.91 -19.00 29.04
N ALA D 97 14.65 -17.70 29.16
CA ALA D 97 15.71 -16.70 29.35
C ALA D 97 15.77 -16.25 30.81
N ASN D 98 16.93 -15.78 31.21
CA ASN D 98 17.18 -15.14 32.53
C ASN D 98 16.85 -13.65 32.42
N LEU D 99 15.75 -13.23 32.98
CA LEU D 99 15.27 -11.83 32.84
C LEU D 99 14.78 -11.36 34.20
N ALA D 100 14.99 -10.08 34.52
CA ALA D 100 14.32 -9.44 35.68
C ALA D 100 12.81 -9.61 35.54
N GLU D 101 12.13 -9.89 36.65
CA GLU D 101 10.68 -10.12 36.65
C GLU D 101 9.98 -8.89 36.03
N SER D 102 10.46 -7.67 36.32
CA SER D 102 9.76 -6.44 35.85
C SER D 102 9.83 -6.31 34.30
N TYR D 103 10.97 -6.70 33.74
CA TYR D 103 11.16 -6.73 32.27
C TYR D 103 10.34 -7.87 31.65
N ARG D 104 10.38 -9.05 32.24
CA ARG D 104 9.50 -10.15 31.79
C ARG D 104 8.02 -9.73 31.76
N ASP D 105 7.58 -9.00 32.77
CA ASP D 105 6.17 -8.52 32.86
C ASP D 105 5.84 -7.67 31.63
N PHE D 106 6.75 -6.77 31.23
CA PHE D 106 6.58 -5.89 30.06
C PHE D 106 6.45 -6.76 28.81
N LEU D 107 7.37 -7.72 28.65
CA LEU D 107 7.35 -8.56 27.44
C LEU D 107 6.08 -9.41 27.40
N THR D 108 5.63 -9.93 28.54
CA THR D 108 4.38 -10.72 28.66
C THR D 108 3.19 -9.85 28.31
N GLN D 109 3.17 -8.63 28.82
CA GLN D 109 2.06 -7.65 28.57
C GLN D 109 1.88 -7.56 27.07
N TYR D 110 2.97 -7.47 26.33
CA TYR D 110 2.92 -7.32 24.84
C TYR D 110 3.08 -8.63 24.08
N GLN D 111 2.91 -9.80 24.72
CA GLN D 111 2.81 -11.13 24.07
C GLN D 111 4.09 -11.50 23.31
N VAL D 112 5.22 -10.96 23.74
CA VAL D 112 6.53 -11.25 23.08
C VAL D 112 7.04 -12.61 23.51
N ARG D 113 7.36 -13.46 22.53
CA ARG D 113 8.00 -14.77 22.78
C ARG D 113 9.50 -14.76 22.44
N ALA D 114 9.92 -13.97 21.44
CA ALA D 114 11.31 -13.84 20.97
C ALA D 114 11.55 -12.39 20.59
N ILE D 115 12.75 -11.89 20.83
CA ILE D 115 13.01 -10.44 20.63
C ILE D 115 14.43 -10.19 20.16
N VAL D 116 14.55 -9.20 19.28
CA VAL D 116 15.84 -8.53 19.00
C VAL D 116 15.58 -7.03 19.18
N ALA D 117 16.40 -6.37 19.98
CA ALA D 117 16.34 -4.92 20.17
C ALA D 117 17.72 -4.35 19.91
N VAL D 118 17.80 -3.44 18.95
CA VAL D 118 19.10 -2.81 18.58
C VAL D 118 18.97 -1.30 18.74
N PRO D 119 20.08 -0.64 19.08
CA PRO D 119 20.05 0.80 19.23
C PRO D 119 19.94 1.59 17.93
N ILE D 120 19.26 2.74 18.01
CA ILE D 120 19.25 3.79 16.96
C ILE D 120 19.91 5.01 17.59
N LEU D 121 21.04 5.43 17.04
CA LEU D 121 21.83 6.56 17.59
C LEU D 121 21.50 7.82 16.79
N LYS D 122 21.49 8.96 17.47
CA LYS D 122 21.56 10.28 16.80
C LYS D 122 22.83 10.96 17.31
N GLY D 123 23.86 11.01 16.47
CA GLY D 123 25.23 11.39 16.87
C GLY D 123 25.70 10.50 18.00
N LYS D 124 26.03 11.10 19.14
CA LYS D 124 26.59 10.30 20.27
C LYS D 124 25.48 9.95 21.27
N LYS D 125 24.20 10.19 20.95
CA LYS D 125 23.10 9.92 21.91
C LYS D 125 22.21 8.75 21.44
N LEU D 126 21.71 7.99 22.39
CA LEU D 126 20.75 6.91 22.07
C LEU D 126 19.41 7.55 21.80
N TRP D 127 18.94 7.43 20.57
CA TRP D 127 17.68 8.08 20.13
C TRP D 127 16.47 7.16 20.33
N GLY D 128 16.69 5.86 20.12
CA GLY D 128 15.57 4.90 20.12
C GLY D 128 16.05 3.48 20.02
N LEU D 129 15.09 2.58 19.93
CA LEU D 129 15.35 1.16 19.68
C LEU D 129 14.60 0.76 18.40
N PHE D 130 15.22 -0.14 17.66
CA PHE D 130 14.56 -0.90 16.56
C PHE D 130 14.36 -2.34 17.04
N SER D 131 13.11 -2.71 17.30
CA SER D 131 12.77 -3.97 17.99
C SER D 131 11.95 -4.89 17.08
N ALA D 132 12.39 -6.12 16.96
CA ALA D 132 11.64 -7.20 16.30
C ALA D 132 11.07 -8.10 17.38
N HIS D 133 9.75 -8.29 17.37
CA HIS D 133 9.05 -9.17 18.32
C HIS D 133 8.42 -10.32 17.55
N GLN D 134 8.69 -11.54 17.96
CA GLN D 134 7.98 -12.72 17.44
C GLN D 134 6.98 -13.07 18.53
N LEU D 135 5.70 -13.10 18.15
CA LEU D 135 4.56 -13.30 19.07
C LEU D 135 4.03 -14.75 18.94
N ALA D 136 4.11 -15.35 17.76
CA ALA D 136 3.53 -16.68 17.43
C ALA D 136 4.33 -17.77 18.10
N ALA D 137 5.65 -17.60 18.27
CA ALA D 137 6.53 -18.74 18.55
C ALA D 137 7.88 -18.21 18.99
N PRO D 138 8.69 -19.04 19.63
CA PRO D 138 10.11 -18.72 19.84
C PRO D 138 10.77 -18.71 18.45
N ARG D 139 11.94 -18.11 18.34
CA ARG D 139 12.61 -17.94 17.02
C ARG D 139 14.11 -17.93 17.21
N SER D 140 14.82 -18.86 16.55
CA SER D 140 16.29 -18.89 16.61
C SER D 140 16.80 -17.85 15.62
N TRP D 141 16.88 -16.60 16.05
CA TRP D 141 17.50 -15.52 15.26
C TRP D 141 18.88 -15.96 14.72
N GLN D 142 19.10 -15.77 13.42
N GLN D 142 19.11 -15.77 13.43
CA GLN D 142 20.42 -16.00 12.75
CA GLN D 142 20.42 -16.01 12.77
C GLN D 142 21.30 -14.74 12.91
C GLN D 142 21.30 -14.75 12.92
N ALA D 143 22.61 -14.94 12.98
CA ALA D 143 23.59 -13.83 13.10
C ALA D 143 23.32 -12.80 12.01
N TRP D 144 22.96 -13.23 10.81
CA TRP D 144 22.79 -12.28 9.69
C TRP D 144 21.56 -11.41 9.92
N GLU D 145 20.52 -11.97 10.55
CA GLU D 145 19.29 -11.21 10.79
C GLU D 145 19.55 -10.12 11.81
N ILE D 146 20.34 -10.44 12.81
CA ILE D 146 20.72 -9.47 13.85
C ILE D 146 21.59 -8.38 13.19
N GLU D 147 22.54 -8.77 12.35
CA GLU D 147 23.39 -7.78 11.64
C GLU D 147 22.52 -6.91 10.74
N PHE D 148 21.52 -7.48 10.05
CA PHE D 148 20.63 -6.73 9.14
C PHE D 148 19.88 -5.67 9.96
N LEU D 149 19.29 -6.06 11.09
CA LEU D 149 18.56 -5.11 11.95
C LEU D 149 19.51 -4.02 12.47
N LYS D 150 20.70 -4.39 12.92
CA LYS D 150 21.66 -3.38 13.42
C LYS D 150 22.00 -2.37 12.31
N GLN D 151 22.26 -2.87 11.11
N GLN D 151 22.24 -2.87 11.10
CA GLN D 151 22.71 -1.99 9.99
CA GLN D 151 22.71 -2.00 10.00
C GLN D 151 21.55 -1.15 9.48
C GLN D 151 21.54 -1.15 9.47
N GLN D 152 20.30 -1.63 9.53
CA GLN D 152 19.13 -0.79 9.22
C GLN D 152 19.06 0.32 10.25
N ALA D 153 19.35 -0.01 11.50
CA ALA D 153 19.31 1.02 12.56
C ALA D 153 20.41 2.07 12.33
N VAL D 154 21.54 1.67 11.78
CA VAL D 154 22.61 2.65 11.41
C VAL D 154 22.09 3.65 10.37
N VAL D 155 21.47 3.14 9.32
CA VAL D 155 20.94 3.97 8.23
C VAL D 155 19.86 4.89 8.77
N MET D 156 19.01 4.37 9.64
CA MET D 156 17.94 5.20 10.22
C MET D 156 18.60 6.35 11.00
N GLY D 157 19.65 6.05 11.76
CA GLY D 157 20.35 7.07 12.60
C GLY D 157 20.94 8.16 11.71
N ILE D 158 21.54 7.78 10.59
CA ILE D 158 22.10 8.80 9.65
C ILE D 158 20.97 9.72 9.18
N ALA D 159 19.85 9.15 8.77
CA ALA D 159 18.70 9.96 8.30
C ALA D 159 18.21 10.86 9.45
N ILE D 160 18.12 10.33 10.67
CA ILE D 160 17.54 11.07 11.83
C ILE D 160 18.44 12.25 12.17
N GLN D 161 19.73 12.08 12.00
CA GLN D 161 20.73 13.14 12.30
C GLN D 161 20.56 14.38 11.41
N GLN D 162 19.83 14.29 10.31
CA GLN D 162 19.60 15.46 9.40
C GLN D 162 18.45 16.34 9.89
N SER D 163 17.69 15.88 10.89
CA SER D 163 16.50 16.56 11.49
C SER D 163 16.74 16.78 12.99
CHA BLA E . -18.58 17.95 -23.80
NA BLA E . -17.10 17.56 -21.82
C1A BLA E . -18.10 17.20 -22.64
C2A BLA E . -18.67 15.89 -22.29
C3A BLA E . -17.89 15.45 -21.17
C4A BLA E . -16.95 16.56 -20.96
CMA BLA E . -18.10 14.15 -20.41
CAA BLA E . -19.76 15.22 -23.04
CBA BLA E . -21.05 15.90 -22.62
CGA BLA E . -22.11 15.23 -23.46
O1A BLA E . -22.70 14.26 -22.99
O2A BLA E . -22.23 15.63 -24.63
CHB BLA E . -15.89 16.63 -20.00
NB BLA E . -15.10 14.21 -19.80
C1B BLA E . -15.07 15.54 -19.46
C2B BLA E . -14.06 15.85 -18.45
C3B BLA E . -13.50 14.56 -18.12
C4B BLA E . -14.21 13.64 -18.98
CMB BLA E . -13.70 17.12 -17.74
OB BLA E . -13.89 12.38 -18.93
CAB BLA E . -12.47 14.35 -17.10
CBB BLA E . -12.12 13.12 -16.73
NC BLA E . -14.17 21.35 -23.20
C1C BLA E . -13.08 21.95 -22.77
C2C BLA E . -12.88 23.30 -23.31
C3C BLA E . -14.04 23.48 -24.23
C4C BLA E . -14.76 22.20 -24.07
CMC BLA E . -11.81 24.28 -23.02
OC BLA E . -12.31 21.48 -21.86
CAC BLA E . -14.41 24.71 -25.08
CBC BLA E . -15.18 25.71 -24.24
CHD BLA E . -16.02 22.01 -24.82
ND BLA E . -17.01 19.93 -23.93
C1D BLA E . -16.98 20.93 -24.83
C2D BLA E . -18.01 20.91 -25.86
C3D BLA E . -18.75 19.73 -25.59
C4D BLA E . -18.10 19.19 -24.40
CMD BLA E . -18.26 21.89 -26.99
CAD BLA E . -19.86 19.20 -26.47
CBD BLA E . -21.19 19.48 -25.85
CGD BLA E . -22.33 18.80 -26.60
O1D BLA E . -22.10 17.84 -27.38
O2D BLA E . -23.50 19.28 -26.48
CHA BLA F . -32.10 -16.27 10.31
NA BLA F . -29.74 -16.36 9.53
C1A BLA F . -30.89 -15.71 9.71
C2A BLA F . -30.82 -14.28 9.28
C3A BLA F . -29.47 -14.13 8.80
C4A BLA F . -28.89 -15.46 8.97
CMA BLA F . -28.86 -12.90 8.18
CAA BLA F . -31.90 -13.19 9.43
CBA BLA F . -32.96 -13.43 8.46
CGA BLA F . -33.81 -12.17 8.71
O1A BLA F . -33.70 -11.20 7.94
O2A BLA F . -34.52 -12.14 9.72
CHB BLA F . -27.53 -15.92 8.71
NB BLA F . -26.12 -13.92 9.24
C1B BLA F . -26.28 -15.20 8.81
C2B BLA F . -25.01 -15.82 8.31
C3B BLA F . -24.02 -14.78 8.46
C4B BLA F . -24.80 -13.67 9.05
CMB BLA F . -24.76 -17.18 7.75
OB BLA F . -24.23 -12.55 9.35
CAB BLA F . -22.58 -14.88 8.11
CBB BLA F . -21.74 -13.89 8.24
NC BLA F . -29.13 -20.56 11.96
C1C BLA F . -28.11 -21.41 12.04
C2C BLA F . -28.51 -22.76 12.53
C3C BLA F . -29.95 -22.64 12.78
C4C BLA F . -30.20 -21.23 12.35
CMC BLA F . -27.66 -23.98 12.70
OC BLA F . -26.88 -21.13 11.68
CAC BLA F . -30.94 -23.68 13.24
CBC BLA F . -31.23 -24.45 11.96
CHD BLA F . -31.53 -20.69 12.40
ND BLA F . -31.32 -18.48 11.20
C1D BLA F . -32.02 -19.42 11.89
C2D BLA F . -33.42 -19.07 12.19
C3D BLA F . -33.60 -17.75 11.63
C4D BLA F . -32.30 -17.50 11.00
CMD BLA F . -34.42 -19.86 12.92
CAD BLA F . -34.87 -16.94 11.56
CBD BLA F . -35.30 -16.53 12.97
CGD BLA F . -34.50 -15.32 13.35
O1D BLA F . -34.31 -14.52 12.45
O2D BLA F . -34.06 -15.17 14.48
CHA BLA G . 35.28 4.57 -14.93
NA BLA G . 33.00 3.52 -14.82
C1A BLA G . 34.02 4.21 -14.26
C2A BLA G . 33.74 4.62 -12.87
C3A BLA G . 32.35 4.10 -12.65
C4A BLA G . 32.00 3.47 -13.90
CMA BLA G . 31.62 4.30 -11.37
CAA BLA G . 34.54 5.40 -11.91
CBA BLA G . 35.56 4.42 -11.38
CGA BLA G . 36.45 5.18 -10.39
O1A BLA G . 36.18 5.28 -9.19
O2A BLA G . 37.41 5.81 -10.85
CHB BLA G . 30.75 2.81 -14.28
NB BLA G . 29.00 4.07 -13.02
C1B BLA G . 29.39 3.09 -13.85
C2B BLA G . 28.28 2.25 -14.27
C3B BLA G . 27.11 2.77 -13.57
C4B BLA G . 27.64 3.91 -12.89
CMB BLA G . 28.28 1.07 -15.15
OB BLA G . 26.91 4.65 -12.17
CAB BLA G . 25.74 2.21 -13.70
CBB BLA G . 24.77 2.71 -12.98
NC BLA G . 32.98 2.75 -19.65
C1C BLA G . 32.11 2.21 -20.56
C2C BLA G . 32.73 1.86 -21.87
C3C BLA G . 34.13 2.30 -21.69
C4C BLA G . 34.16 2.86 -20.32
CMC BLA G . 32.06 1.25 -23.07
OC BLA G . 30.85 1.97 -20.34
CAC BLA G . 35.27 2.21 -22.69
CBC BLA G . 35.95 0.86 -22.49
CHD BLA G . 35.38 3.38 -19.75
ND BLA G . 34.95 3.72 -17.30
C1D BLA G . 35.70 3.82 -18.40
C2D BLA G . 36.94 4.57 -18.22
C3D BLA G . 36.94 4.90 -16.81
C4D BLA G . 35.67 4.36 -16.32
CMD BLA G . 37.98 4.82 -19.26
CAD BLA G . 37.99 5.63 -16.06
CBD BLA G . 38.78 4.60 -15.33
CGD BLA G . 40.13 5.06 -14.68
O1D BLA G . 40.49 6.21 -14.98
O2D BLA G . 40.88 4.28 -13.98
CHA BLA H . 15.86 -4.30 30.28
NA BLA H . 14.30 -3.17 28.66
C1A BLA H . 15.38 -3.89 28.94
C2A BLA H . 16.11 -4.36 27.75
C3A BLA H . 15.29 -3.84 26.65
C4A BLA H . 14.20 -3.15 27.29
CMA BLA H . 15.63 -3.96 25.22
CAA BLA H . 17.34 -5.19 27.70
CBA BLA H . 18.50 -4.25 28.04
CGA BLA H . 19.78 -5.08 27.97
O1A BLA H . 20.35 -5.25 26.86
O2A BLA H . 20.23 -5.55 29.06
CHB BLA H . 13.12 -2.41 26.66
NB BLA H . 12.58 -3.63 24.60
C1B BLA H . 12.39 -2.59 25.45
C2B BLA H . 11.38 -1.61 25.02
C3B BLA H . 10.97 -2.12 23.75
C4B BLA H . 11.74 -3.36 23.61
CMB BLA H . 10.99 -0.34 25.73
OB BLA H . 11.58 -4.12 22.60
CAB BLA H . 9.96 -1.51 22.83
CBB BLA H . 9.65 -2.03 21.66
NC BLA H . 11.05 -2.37 32.28
C1C BLA H . 9.84 -1.80 32.40
C2C BLA H . 9.47 -1.34 33.76
C3C BLA H . 10.59 -1.83 34.52
C4C BLA H . 11.51 -2.43 33.52
CMC BLA H . 8.22 -0.64 34.27
OC BLA H . 9.08 -1.51 31.41
CAC BLA H . 10.83 -1.75 35.98
CBC BLA H . 11.45 -0.44 36.37
CHD BLA H . 12.78 -2.97 33.93
ND BLA H . 13.99 -3.47 31.75
C1D BLA H . 13.90 -3.49 33.14
C2D BLA H . 15.02 -4.12 33.83
C3D BLA H . 15.89 -4.55 32.75
C4D BLA H . 15.20 -4.08 31.54
CMD BLA H . 15.29 -4.36 35.29
CAD BLA H . 17.23 -5.21 32.93
CBD BLA H . 17.11 -6.64 33.39
CGD BLA H . 16.87 -7.56 32.23
O1D BLA H . 17.34 -7.29 31.10
O2D BLA H . 16.18 -8.58 32.44
#